data_7XWW
#
_entry.id   7XWW
#
_cell.length_a   43.870
_cell.length_b   61.669
_cell.length_c   88.332
_cell.angle_alpha   96.640
_cell.angle_beta   100.830
_cell.angle_gamma   110.720
#
_symmetry.space_group_name_H-M   'P 1'
#
loop_
_entity.id
_entity.type
_entity.pdbx_description
1 polymer 'Dihydropteridine reductase'
2 non-polymer 'FLAVIN MONONUCLEOTIDE'
3 non-polymer 2,2-bis(fluoranyl)-4,6,10,12-tetramethyl-8-[1-[(4-nitrophenyl)methyl]pyridin-1-ium-4-yl]-3-aza-1-azonia-2-boranuidatricyclo[7.3.0.0^{3,7}]dodeca-1(12),4,6,8,10-pentaene
#
_entity_poly.entity_id   1
_entity_poly.type   'polypeptide(L)'
_entity_poly.pdbx_seq_one_letter_code
;SMDIISVALKRHSTKAFDASKKLTPEQAEQIKTLLQYSPSSTNSQPWHFIVASTEEGKARVAKSAAGNYVFNERKMLDAS
HVVVFCAKTAMDDVWLKLVVDQEDADGRFATPEAKAANDKGRKFFADMHRKDLHDDAEWMAKQVYLNVGNFLLGVAALGL
DAVPIEGFDAAILDAEFGLKEKGYTSLVVVPVGHHSVEDFNATLPKSRLPQNITLTEV
;
_entity_poly.pdbx_strand_id   B,A,H,I
#
loop_
_chem_comp.id
_chem_comp.type
_chem_comp.name
_chem_comp.formula
FMN non-polymer 'FLAVIN MONONUCLEOTIDE' 'C17 H21 N4 O9 P'
I5O non-polymer 2,2-bis(fluoranyl)-4,6,10,12-tetramethyl-8-[1-[(4-nitrophenyl)methyl]pyridin-1-ium-4-yl]-3-aza-1-azonia-2-boranuidatricyclo[7.3.0.0^{3,7}]dodeca-1(12),4,6,8,10-pentaene 'C25 H24 B F2 N4 O2 1'
#
# COMPACT_ATOMS: atom_id res chain seq x y z
N ASP A 3 -34.47 10.08 -0.85
CA ASP A 3 -35.20 8.88 -0.48
C ASP A 3 -34.24 7.91 0.22
N ILE A 4 -34.47 7.65 1.51
CA ILE A 4 -33.56 6.76 2.24
C ILE A 4 -33.75 5.29 1.92
N ILE A 5 -34.96 4.85 1.54
CA ILE A 5 -35.15 3.44 1.20
C ILE A 5 -34.34 3.11 -0.04
N SER A 6 -34.35 4.01 -1.03
CA SER A 6 -33.53 3.83 -2.21
C SER A 6 -32.04 3.84 -1.88
N VAL A 7 -31.66 4.47 -0.77
CA VAL A 7 -30.27 4.38 -0.29
C VAL A 7 -29.92 2.95 0.08
N ALA A 8 -30.81 2.29 0.83
CA ALA A 8 -30.57 0.90 1.22
C ALA A 8 -30.63 -0.06 0.04
N LEU A 9 -31.35 0.29 -1.02
CA LEU A 9 -31.50 -0.58 -2.17
C LEU A 9 -30.48 -0.32 -3.27
N LYS A 10 -29.69 0.75 -3.16
CA LYS A 10 -28.64 1.05 -4.12
C LYS A 10 -27.24 1.04 -3.54
N ARG A 11 -27.09 1.17 -2.22
CA ARG A 11 -25.80 0.98 -1.56
C ARG A 11 -25.22 -0.38 -1.89
N HIS A 12 -23.90 -0.45 -2.04
CA HIS A 12 -23.23 -1.71 -2.30
C HIS A 12 -21.84 -1.68 -1.69
N SER A 13 -21.31 -2.87 -1.39
CA SER A 13 -19.95 -3.02 -0.92
C SER A 13 -18.99 -2.84 -2.09
N THR A 14 -18.31 -1.69 -2.13
CA THR A 14 -17.41 -1.40 -3.23
C THR A 14 -16.16 -2.26 -3.17
N LYS A 15 -15.84 -2.90 -4.30
CA LYS A 15 -14.69 -3.76 -4.41
C LYS A 15 -13.50 -3.10 -5.10
N ALA A 16 -13.70 -1.92 -5.70
CA ALA A 16 -12.62 -1.19 -6.34
C ALA A 16 -12.93 0.30 -6.30
N PHE A 17 -11.97 1.09 -5.82
CA PHE A 17 -12.11 2.54 -5.73
C PHE A 17 -11.27 3.21 -6.82
N ASP A 18 -11.70 4.42 -7.21
CA ASP A 18 -10.90 5.25 -8.10
C ASP A 18 -10.06 6.20 -7.27
N ALA A 19 -8.73 6.07 -7.39
CA ALA A 19 -7.82 6.83 -6.53
C ALA A 19 -7.87 8.32 -6.83
N SER A 20 -8.18 8.69 -8.07
CA SER A 20 -8.17 10.10 -8.45
C SER A 20 -9.28 10.88 -7.75
N LYS A 21 -10.48 10.32 -7.70
CA LYS A 21 -11.64 11.08 -7.25
C LYS A 21 -11.56 11.18 -5.72
N LYS A 22 -11.12 12.33 -5.22
CA LYS A 22 -10.92 12.54 -3.80
C LYS A 22 -12.12 13.29 -3.21
N LEU A 23 -12.36 13.08 -1.92
CA LEU A 23 -13.46 13.75 -1.25
C LEU A 23 -13.16 15.23 -1.03
N THR A 24 -14.13 16.07 -1.38
CA THR A 24 -14.08 17.50 -1.12
C THR A 24 -13.89 17.78 0.38
N PRO A 25 -13.20 18.89 0.74
CA PRO A 25 -13.04 19.23 2.16
C PRO A 25 -14.33 19.29 2.96
N GLU A 26 -15.47 19.54 2.30
CA GLU A 26 -16.73 19.53 3.03
C GLU A 26 -17.18 18.10 3.31
N GLN A 27 -17.06 17.21 2.32
CA GLN A 27 -17.24 15.80 2.61
C GLN A 27 -16.20 15.35 3.61
N ALA A 28 -15.01 15.96 3.57
CA ALA A 28 -13.92 15.72 4.49
C ALA A 28 -14.16 16.32 5.87
N GLU A 29 -15.14 17.22 6.02
CA GLU A 29 -15.59 17.60 7.35
C GLU A 29 -16.87 16.88 7.74
N GLN A 30 -17.59 16.32 6.75
CA GLN A 30 -18.72 15.43 7.00
C GLN A 30 -18.29 14.02 7.37
N ILE A 31 -17.12 13.57 6.93
CA ILE A 31 -16.61 12.28 7.36
C ILE A 31 -16.64 12.17 8.88
N LYS A 32 -16.19 13.23 9.57
CA LYS A 32 -16.03 13.24 11.01
C LYS A 32 -17.36 13.25 11.79
N THR A 33 -18.35 13.98 11.31
CA THR A 33 -19.56 14.21 12.11
C THR A 33 -20.39 12.93 12.28
N LEU A 34 -20.48 12.11 11.23
CA LEU A 34 -21.20 10.85 11.36
C LEU A 34 -20.52 9.92 12.35
N LEU A 35 -19.18 9.98 12.42
CA LEU A 35 -18.46 9.20 13.42
C LEU A 35 -18.68 9.76 14.81
N GLN A 36 -18.83 11.08 14.91
CA GLN A 36 -19.01 11.73 16.21
C GLN A 36 -20.43 11.58 16.72
N TYR A 37 -21.41 12.03 15.93
CA TYR A 37 -22.81 12.11 16.35
C TYR A 37 -23.61 10.85 16.05
N SER A 38 -23.10 9.70 16.47
CA SER A 38 -23.84 8.44 16.45
C SER A 38 -24.29 8.06 17.86
N PRO A 39 -25.45 7.39 17.99
CA PRO A 39 -25.95 7.03 19.33
C PRO A 39 -25.11 5.97 20.00
N SER A 40 -25.33 5.86 21.31
CA SER A 40 -24.49 5.05 22.18
C SER A 40 -25.26 4.60 23.42
N SER A 41 -25.03 3.36 23.84
CA SER A 41 -25.66 2.87 25.06
C SER A 41 -25.14 3.65 26.25
N THR A 42 -26.03 4.35 26.96
CA THR A 42 -25.68 5.27 28.05
C THR A 42 -24.69 6.34 27.60
N ASN A 43 -24.61 6.61 26.30
CA ASN A 43 -23.69 7.59 25.71
C ASN A 43 -22.23 7.35 26.10
N SER A 44 -21.86 6.08 26.30
CA SER A 44 -20.48 5.77 26.65
C SER A 44 -19.53 6.22 25.55
N GLN A 45 -19.87 5.92 24.29
CA GLN A 45 -19.04 6.22 23.14
C GLN A 45 -17.64 5.64 23.31
N PRO A 46 -17.52 4.33 23.53
CA PRO A 46 -16.21 3.72 23.89
C PRO A 46 -15.32 3.49 22.67
N TRP A 47 -15.18 4.51 21.84
CA TRP A 47 -14.54 4.34 20.54
C TRP A 47 -13.44 5.38 20.32
N HIS A 48 -12.63 5.10 19.30
CA HIS A 48 -11.68 6.05 18.75
C HIS A 48 -11.54 5.76 17.25
N PHE A 49 -11.41 6.81 16.46
CA PHE A 49 -11.37 6.71 15.01
C PHE A 49 -10.05 7.25 14.47
N ILE A 50 -9.44 6.49 13.56
CA ILE A 50 -8.26 6.93 12.81
C ILE A 50 -8.68 7.13 11.36
N VAL A 51 -8.79 8.37 10.90
CA VAL A 51 -9.15 8.64 9.51
C VAL A 51 -7.83 8.95 8.81
N ALA A 52 -7.41 8.13 7.86
CA ALA A 52 -6.13 8.30 7.16
C ALA A 52 -6.42 8.99 5.82
N SER A 53 -5.90 10.21 5.65
CA SER A 53 -6.25 10.98 4.46
C SER A 53 -5.13 11.18 3.43
N THR A 54 -3.88 10.87 3.74
CA THR A 54 -2.81 10.96 2.74
C THR A 54 -2.19 9.59 2.53
N GLU A 55 -1.53 9.41 1.38
CA GLU A 55 -1.08 8.08 0.92
C GLU A 55 -0.19 7.36 1.93
N GLU A 56 0.53 8.09 2.77
CA GLU A 56 1.36 7.43 3.76
C GLU A 56 0.53 6.99 4.96
N GLY A 57 -0.50 7.76 5.31
CA GLY A 57 -1.44 7.32 6.32
C GLY A 57 -2.27 6.13 5.83
N LYS A 58 -2.69 6.16 4.57
CA LYS A 58 -3.40 5.01 4.00
C LYS A 58 -2.49 3.80 3.92
N ALA A 59 -1.20 4.02 3.71
CA ALA A 59 -0.25 2.91 3.59
C ALA A 59 -0.08 2.17 4.91
N ARG A 60 0.00 2.90 6.03
CA ARG A 60 0.20 2.25 7.32
C ARG A 60 -0.99 1.37 7.67
N VAL A 61 -2.20 1.79 7.31
CA VAL A 61 -3.38 0.97 7.57
C VAL A 61 -3.37 -0.29 6.71
N ALA A 62 -3.06 -0.13 5.42
CA ALA A 62 -3.07 -1.26 4.49
C ALA A 62 -2.08 -2.36 4.83
N LYS A 63 -1.14 -2.10 5.75
CA LYS A 63 -0.28 -3.17 6.25
C LYS A 63 -1.10 -4.28 6.89
N SER A 64 -2.25 -3.94 7.48
CA SER A 64 -3.12 -4.97 8.05
C SER A 64 -3.45 -6.06 7.04
N ALA A 65 -3.76 -5.67 5.79
CA ALA A 65 -4.19 -6.64 4.78
C ALA A 65 -3.02 -7.13 3.94
N ALA A 66 -1.95 -7.59 4.59
CA ALA A 66 -0.76 -8.05 3.88
C ALA A 66 -0.54 -9.55 3.94
N GLY A 67 -1.10 -10.23 4.94
CA GLY A 67 -0.97 -11.67 5.07
C GLY A 67 -1.87 -12.43 4.13
N ASN A 68 -2.83 -13.15 4.70
CA ASN A 68 -3.82 -13.88 3.93
C ASN A 68 -5.05 -13.03 3.61
N TYR A 69 -4.90 -11.70 3.66
CA TYR A 69 -5.98 -10.75 3.40
C TYR A 69 -5.65 -9.80 2.24
N VAL A 70 -4.71 -10.16 1.38
CA VAL A 70 -4.17 -9.25 0.37
C VAL A 70 -5.24 -8.74 -0.59
N PHE A 71 -6.28 -9.54 -0.86
CA PHE A 71 -7.28 -9.16 -1.85
C PHE A 71 -8.07 -7.92 -1.46
N ASN A 72 -8.07 -7.53 -0.19
CA ASN A 72 -8.77 -6.35 0.30
C ASN A 72 -7.85 -5.14 0.44
N GLU A 73 -6.60 -5.24 0.01
CA GLU A 73 -5.61 -4.21 0.32
C GLU A 73 -5.74 -2.99 -0.59
N ARG A 74 -6.04 -3.20 -1.87
CA ARG A 74 -6.19 -2.06 -2.78
C ARG A 74 -7.35 -1.15 -2.39
N LYS A 75 -8.38 -1.70 -1.73
CA LYS A 75 -9.49 -0.86 -1.29
C LYS A 75 -8.99 0.18 -0.29
N MET A 76 -8.06 -0.21 0.58
CA MET A 76 -7.46 0.71 1.54
C MET A 76 -6.49 1.69 0.89
N LEU A 77 -5.99 1.37 -0.30
CA LEU A 77 -4.97 2.18 -0.97
C LEU A 77 -5.57 3.28 -1.83
N ASP A 78 -6.57 2.93 -2.65
CA ASP A 78 -7.11 3.86 -3.62
C ASP A 78 -8.15 4.80 -3.03
N ALA A 79 -8.89 4.36 -2.01
CA ALA A 79 -9.89 5.23 -1.39
C ALA A 79 -9.22 6.49 -0.84
N SER A 80 -10.01 7.56 -0.74
CA SER A 80 -9.46 8.85 -0.36
C SER A 80 -9.33 8.98 1.16
N HIS A 81 -10.39 8.62 1.89
CA HIS A 81 -10.39 8.71 3.34
C HIS A 81 -10.70 7.34 3.92
N VAL A 82 -9.77 6.80 4.70
CA VAL A 82 -9.86 5.46 5.27
C VAL A 82 -10.00 5.58 6.77
N VAL A 83 -11.13 5.11 7.31
CA VAL A 83 -11.38 5.10 8.74
C VAL A 83 -11.24 3.67 9.25
N VAL A 84 -10.55 3.50 10.37
CA VAL A 84 -10.47 2.23 11.07
C VAL A 84 -11.13 2.42 12.43
N PHE A 85 -12.22 1.68 12.66
CA PHE A 85 -12.97 1.78 13.90
C PHE A 85 -12.26 1.05 15.02
N CYS A 86 -12.08 1.73 16.16
CA CYS A 86 -11.44 1.17 17.32
C CYS A 86 -12.35 1.27 18.54
N ALA A 87 -12.18 0.32 19.48
CA ALA A 87 -12.94 0.27 20.71
C ALA A 87 -12.00 0.21 21.91
N LYS A 88 -12.46 0.73 23.05
CA LYS A 88 -11.67 0.67 24.27
C LYS A 88 -11.48 -0.77 24.74
N THR A 89 -10.32 -1.03 25.35
CA THR A 89 -10.08 -2.32 25.98
C THR A 89 -10.96 -2.50 27.21
N ALA A 90 -10.96 -1.52 28.10
CA ALA A 90 -11.68 -1.65 29.36
C ALA A 90 -12.28 -0.29 29.68
N MET A 91 -13.41 -0.32 30.40
CA MET A 91 -14.16 0.92 30.75
C MET A 91 -13.67 1.52 32.07
N ASP A 92 -12.87 2.59 31.98
CA ASP A 92 -12.41 3.33 33.15
C ASP A 92 -13.51 4.18 33.76
N ASP A 93 -13.29 4.56 35.02
CA ASP A 93 -14.22 5.44 35.72
C ASP A 93 -14.19 6.87 35.19
N VAL A 94 -13.05 7.34 34.68
CA VAL A 94 -12.87 8.74 34.28
C VAL A 94 -13.53 9.05 32.93
N TRP A 95 -13.60 8.06 32.04
CA TRP A 95 -14.32 8.22 30.78
C TRP A 95 -15.82 8.40 31.05
N LEU A 96 -16.26 7.79 32.15
CA LEU A 96 -17.65 7.96 32.64
C LEU A 96 -17.72 9.37 33.24
N LYS A 97 -16.60 9.83 33.80
CA LYS A 97 -16.51 11.18 34.34
C LYS A 97 -16.55 12.23 33.23
N LEU A 98 -15.79 12.02 32.16
CA LEU A 98 -15.72 13.04 31.11
C LEU A 98 -17.00 13.12 30.29
N VAL A 99 -17.68 11.98 30.07
CA VAL A 99 -18.91 11.99 29.29
C VAL A 99 -19.97 12.85 29.97
N VAL A 100 -20.24 12.61 31.26
CA VAL A 100 -21.28 13.35 31.96
C VAL A 100 -20.85 14.80 32.14
N ASP A 101 -19.58 15.03 32.47
CA ASP A 101 -19.06 16.41 32.55
C ASP A 101 -19.27 17.13 31.22
N GLN A 102 -19.07 16.42 30.11
CA GLN A 102 -19.30 17.02 28.80
C GLN A 102 -20.77 17.29 28.56
N GLU A 103 -21.64 16.36 29.01
CA GLU A 103 -23.08 16.61 28.95
C GLU A 103 -23.45 17.84 29.75
N ASP A 104 -22.89 17.97 30.95
CA ASP A 104 -23.13 19.15 31.77
C ASP A 104 -22.70 20.43 31.06
N ALA A 105 -21.56 20.38 30.37
CA ALA A 105 -21.07 21.59 29.70
C ALA A 105 -21.97 21.97 28.54
N ASP A 106 -22.66 21.01 27.93
CA ASP A 106 -23.58 21.29 26.84
C ASP A 106 -24.97 21.67 27.33
N GLY A 107 -25.22 21.59 28.64
CA GLY A 107 -26.45 22.11 29.22
C GLY A 107 -27.61 21.14 29.30
N ARG A 108 -27.34 19.88 29.61
CA ARG A 108 -28.39 18.87 29.66
C ARG A 108 -29.04 18.74 31.05
N PHE A 109 -28.39 19.21 32.10
CA PHE A 109 -28.85 19.03 33.47
C PHE A 109 -29.22 20.39 34.04
N ALA A 110 -30.47 20.52 34.52
CA ALA A 110 -30.90 21.79 35.11
C ALA A 110 -30.25 22.00 36.47
N THR A 111 -30.48 21.05 37.40
CA THR A 111 -29.93 21.02 38.75
C THR A 111 -28.79 20.02 38.81
N PRO A 112 -27.79 20.22 39.68
CA PRO A 112 -26.73 19.20 39.83
C PRO A 112 -27.22 17.81 40.18
N GLU A 113 -28.34 17.67 40.89
CA GLU A 113 -28.82 16.34 41.27
C GLU A 113 -29.10 15.47 40.04
N ALA A 114 -29.61 16.07 38.97
CA ALA A 114 -29.91 15.31 37.76
C ALA A 114 -28.65 14.70 37.15
N LYS A 115 -27.52 15.40 37.26
CA LYS A 115 -26.26 14.89 36.74
C LYS A 115 -25.83 13.62 37.48
N ALA A 116 -25.79 13.68 38.81
CA ALA A 116 -25.42 12.51 39.60
C ALA A 116 -26.33 11.31 39.31
N ALA A 117 -27.64 11.56 39.17
CA ALA A 117 -28.55 10.48 38.79
C ALA A 117 -28.14 9.86 37.47
N ASN A 118 -27.94 10.71 36.45
CA ASN A 118 -27.47 10.24 35.16
C ASN A 118 -26.13 9.51 35.26
N ASP A 119 -25.22 10.00 36.11
CA ASP A 119 -23.87 9.45 36.16
C ASP A 119 -23.82 8.00 36.64
N LYS A 120 -24.60 7.66 37.65
CA LYS A 120 -24.57 6.29 38.19
C LYS A 120 -25.56 5.36 37.52
N GLY A 121 -26.68 5.88 37.03
CA GLY A 121 -27.44 5.10 36.07
C GLY A 121 -26.57 4.60 34.94
N ARG A 122 -25.52 5.35 34.62
CA ARG A 122 -24.50 4.88 33.69
C ARG A 122 -23.64 3.81 34.35
N LYS A 123 -23.24 4.03 35.61
CA LYS A 123 -22.45 3.05 36.34
C LYS A 123 -23.29 1.85 36.77
N PHE A 124 -24.61 1.91 36.60
CA PHE A 124 -25.44 0.71 36.74
C PHE A 124 -25.18 -0.25 35.59
N PHE A 125 -25.33 0.26 34.36
CA PHE A 125 -25.02 -0.56 33.19
C PHE A 125 -23.54 -0.93 33.14
N ALA A 126 -22.67 0.04 33.45
CA ALA A 126 -21.23 -0.20 33.40
C ALA A 126 -20.80 -1.28 34.38
N ASP A 127 -21.15 -1.11 35.66
CA ASP A 127 -20.78 -2.12 36.66
C ASP A 127 -21.38 -3.48 36.34
N MET A 128 -22.60 -3.49 35.79
CA MET A 128 -23.22 -4.75 35.39
C MET A 128 -22.39 -5.49 34.36
N HIS A 129 -21.78 -4.77 33.44
CA HIS A 129 -21.03 -5.42 32.37
C HIS A 129 -19.59 -5.72 32.78
N ARG A 130 -19.03 -4.94 33.72
CA ARG A 130 -17.65 -5.12 34.13
C ARG A 130 -17.52 -6.05 35.34
N LYS A 131 -18.62 -6.33 36.04
CA LYS A 131 -18.55 -7.22 37.20
C LYS A 131 -19.57 -8.36 37.10
N ASP A 132 -20.80 -8.05 36.72
CA ASP A 132 -21.83 -9.08 36.69
C ASP A 132 -21.75 -9.89 35.41
N LEU A 133 -21.74 -9.23 34.27
CA LEU A 133 -21.77 -9.89 32.98
C LEU A 133 -20.40 -10.37 32.47
N HIS A 134 -19.27 -9.78 32.86
CA HIS A 134 -17.99 -10.17 32.24
C HIS A 134 -17.92 -9.86 30.75
N ASP A 135 -18.73 -8.98 30.20
CA ASP A 135 -18.55 -8.70 28.78
C ASP A 135 -18.11 -7.26 28.60
N ASP A 136 -17.12 -6.92 29.41
CA ASP A 136 -16.49 -5.61 29.36
C ASP A 136 -16.00 -5.22 27.96
N ALA A 137 -15.23 -6.07 27.28
CA ALA A 137 -14.75 -5.74 25.93
C ALA A 137 -15.87 -5.83 24.90
N GLU A 138 -16.64 -6.91 24.95
CA GLU A 138 -17.61 -7.18 23.89
C GLU A 138 -18.71 -6.13 23.86
N TRP A 139 -18.98 -5.58 25.04
CA TRP A 139 -19.85 -4.40 25.11
C TRP A 139 -19.07 -3.25 24.45
N MET A 140 -17.83 -2.96 24.85
CA MET A 140 -17.15 -1.82 24.17
C MET A 140 -16.91 -2.04 22.65
N ALA A 141 -17.26 -3.23 22.11
CA ALA A 141 -17.07 -3.52 20.70
C ALA A 141 -18.37 -3.37 19.92
N LYS A 142 -19.48 -3.82 20.50
CA LYS A 142 -20.76 -3.81 19.78
C LYS A 142 -21.29 -2.40 19.51
N GLN A 143 -21.01 -1.45 20.41
CA GLN A 143 -21.41 -0.07 20.17
C GLN A 143 -20.78 0.52 18.92
N VAL A 144 -19.54 0.12 18.61
CA VAL A 144 -18.85 0.71 17.48
C VAL A 144 -19.28 0.00 16.19
N TYR A 145 -19.65 -1.27 16.27
CA TYR A 145 -20.30 -1.92 15.14
C TYR A 145 -21.60 -1.22 14.80
N LEU A 146 -22.30 -0.73 15.83
CA LEU A 146 -23.49 0.10 15.62
C LEU A 146 -23.11 1.41 14.94
N ASN A 147 -22.04 2.07 15.41
CA ASN A 147 -21.57 3.29 14.76
C ASN A 147 -21.22 3.03 13.32
N VAL A 148 -20.57 1.89 13.05
CA VAL A 148 -20.34 1.46 11.67
C VAL A 148 -21.65 1.50 10.89
N GLY A 149 -22.70 0.86 11.43
CA GLY A 149 -23.97 0.80 10.73
C GLY A 149 -24.54 2.17 10.41
N ASN A 150 -24.54 3.06 11.41
CA ASN A 150 -24.92 4.45 11.15
C ASN A 150 -24.04 5.05 10.06
N PHE A 151 -22.74 4.74 10.07
CA PHE A 151 -21.82 5.32 9.11
C PHE A 151 -22.07 4.81 7.70
N LEU A 152 -22.37 3.51 7.56
CA LEU A 152 -22.50 2.92 6.23
C LEU A 152 -23.70 3.47 5.49
N LEU A 153 -24.78 3.82 6.19
CA LEU A 153 -25.92 4.46 5.52
C LEU A 153 -25.70 5.96 5.31
N GLY A 154 -24.95 6.59 6.21
CA GLY A 154 -24.60 7.99 6.01
C GLY A 154 -23.80 8.20 4.74
N VAL A 155 -22.74 7.41 4.56
CA VAL A 155 -21.91 7.59 3.37
C VAL A 155 -22.68 7.25 2.10
N ALA A 156 -23.54 6.23 2.12
CA ALA A 156 -24.38 5.93 0.96
C ALA A 156 -25.27 7.12 0.59
N ALA A 157 -26.01 7.64 1.55
CA ALA A 157 -26.88 8.79 1.31
C ALA A 157 -26.07 10.04 0.98
N LEU A 158 -24.83 10.13 1.45
CA LEU A 158 -23.95 11.23 1.07
C LEU A 158 -23.43 11.12 -0.35
N GLY A 159 -23.85 10.10 -1.09
CA GLY A 159 -23.39 9.93 -2.45
C GLY A 159 -21.99 9.36 -2.53
N LEU A 160 -21.54 8.68 -1.48
CA LEU A 160 -20.19 8.14 -1.40
C LEU A 160 -20.20 6.61 -1.45
N ASP A 161 -19.11 6.07 -2.00
CA ASP A 161 -18.89 4.62 -2.06
C ASP A 161 -18.07 4.16 -0.87
N ALA A 162 -18.39 2.98 -0.34
CA ALA A 162 -17.72 2.51 0.87
C ALA A 162 -17.75 0.99 0.92
N VAL A 163 -16.93 0.44 1.80
CA VAL A 163 -16.89 -1.01 2.05
C VAL A 163 -16.52 -1.30 3.49
N PRO A 164 -17.23 -2.19 4.18
CA PRO A 164 -16.75 -2.69 5.47
C PRO A 164 -15.72 -3.79 5.25
N ILE A 165 -14.72 -3.82 6.12
CA ILE A 165 -13.65 -4.82 6.05
C ILE A 165 -13.44 -5.44 7.43
N GLU A 166 -13.50 -6.79 7.49
CA GLU A 166 -13.07 -7.55 8.64
C GLU A 166 -11.80 -8.34 8.38
N GLY A 167 -11.49 -8.63 7.12
CA GLY A 167 -10.35 -9.47 6.79
C GLY A 167 -9.07 -8.66 6.86
N PHE A 168 -8.62 -8.39 8.08
CA PHE A 168 -7.36 -7.70 8.31
C PHE A 168 -6.79 -8.16 9.64
N ASP A 169 -5.47 -8.02 9.80
CA ASP A 169 -4.78 -8.48 11.00
C ASP A 169 -4.87 -7.36 12.04
N ALA A 170 -5.80 -7.52 12.98
CA ALA A 170 -5.97 -6.51 14.03
C ALA A 170 -4.67 -6.28 14.80
N ALA A 171 -3.92 -7.35 15.05
CA ALA A 171 -2.68 -7.23 15.82
C ALA A 171 -1.67 -6.35 15.11
N ILE A 172 -1.57 -6.46 13.79
CA ILE A 172 -0.58 -5.69 13.04
C ILE A 172 -0.93 -4.20 13.09
N LEU A 173 -2.17 -3.86 12.73
CA LEU A 173 -2.59 -2.47 12.73
C LEU A 173 -2.51 -1.86 14.13
N ASP A 174 -2.75 -2.67 15.16
CA ASP A 174 -2.64 -2.15 16.52
C ASP A 174 -1.19 -1.85 16.87
N ALA A 175 -0.26 -2.70 16.45
CA ALA A 175 1.16 -2.40 16.63
C ALA A 175 1.58 -1.23 15.75
N GLU A 176 0.99 -1.14 14.55
CA GLU A 176 1.38 -0.11 13.58
C GLU A 176 1.17 1.30 14.15
N PHE A 177 0.06 1.54 14.83
CA PHE A 177 -0.22 2.82 15.46
C PHE A 177 -0.13 2.76 16.98
N GLY A 178 0.45 1.69 17.52
CA GLY A 178 0.70 1.58 18.95
C GLY A 178 -0.54 1.66 19.82
N LEU A 179 -1.53 0.81 19.52
CA LEU A 179 -2.82 0.78 20.23
C LEU A 179 -2.72 -0.02 21.54
N LYS A 180 -3.86 -0.24 22.17
CA LYS A 180 -4.03 -1.02 23.40
C LYS A 180 -3.14 -0.47 24.51
N GLU A 181 -1.89 -0.15 24.18
CA GLU A 181 -1.16 0.77 25.03
C GLU A 181 -1.92 2.08 25.09
N LYS A 182 -2.53 2.46 23.97
CA LYS A 182 -3.46 3.57 23.96
C LYS A 182 -4.72 3.24 24.74
N GLY A 183 -5.17 1.99 24.64
CA GLY A 183 -6.37 1.49 25.28
C GLY A 183 -7.46 1.46 24.23
N TYR A 184 -7.11 0.94 23.06
CA TYR A 184 -8.06 0.86 21.96
C TYR A 184 -7.74 -0.35 21.09
N THR A 185 -8.72 -0.74 20.25
CA THR A 185 -8.61 -1.95 19.46
C THR A 185 -9.29 -1.80 18.11
N SER A 186 -8.55 -2.08 17.03
CA SER A 186 -9.15 -2.10 15.69
C SER A 186 -10.17 -3.22 15.59
N LEU A 187 -11.32 -2.91 14.96
CA LEU A 187 -12.36 -3.91 14.77
C LEU A 187 -12.74 -4.04 13.29
N VAL A 188 -13.07 -2.92 12.66
CA VAL A 188 -13.49 -2.87 11.27
C VAL A 188 -12.78 -1.69 10.60
N VAL A 189 -12.41 -1.86 9.34
CA VAL A 189 -11.77 -0.81 8.55
C VAL A 189 -12.73 -0.40 7.44
N VAL A 190 -13.12 0.87 7.44
CA VAL A 190 -14.04 1.39 6.43
C VAL A 190 -13.34 2.42 5.55
N PRO A 191 -12.95 2.05 4.33
CA PRO A 191 -12.63 3.06 3.32
C PRO A 191 -13.89 3.65 2.72
N VAL A 192 -13.78 4.89 2.25
CA VAL A 192 -14.85 5.53 1.48
C VAL A 192 -14.22 6.53 0.52
N GLY A 193 -14.77 6.60 -0.69
CA GLY A 193 -14.21 7.41 -1.76
C GLY A 193 -15.10 7.44 -2.98
N HIS A 194 -14.64 6.88 -4.10
CA HIS A 194 -15.45 6.81 -5.31
C HIS A 194 -15.06 5.56 -6.10
N HIS A 195 -16.07 4.86 -6.63
CA HIS A 195 -15.87 3.56 -7.24
C HIS A 195 -15.22 3.67 -8.62
N SER A 196 -14.34 2.70 -8.92
CA SER A 196 -13.68 2.54 -10.20
C SER A 196 -14.49 1.67 -11.16
N VAL A 197 -14.08 1.69 -12.42
CA VAL A 197 -14.67 0.80 -13.41
C VAL A 197 -14.40 -0.67 -13.15
N GLU A 198 -13.44 -1.01 -12.30
CA GLU A 198 -13.17 -2.42 -11.96
C GLU A 198 -14.07 -2.98 -10.87
N ASP A 199 -15.00 -2.21 -10.31
CA ASP A 199 -15.83 -2.71 -9.22
C ASP A 199 -17.09 -3.35 -9.79
N PHE A 200 -17.07 -4.67 -9.95
CA PHE A 200 -18.20 -5.40 -10.50
C PHE A 200 -19.30 -5.69 -9.47
N ASN A 201 -19.17 -5.17 -8.24
CA ASN A 201 -20.24 -5.31 -7.27
C ASN A 201 -21.34 -4.27 -7.45
N ALA A 202 -21.04 -3.15 -8.09
CA ALA A 202 -22.06 -2.14 -8.39
C ALA A 202 -23.07 -2.65 -9.40
N THR A 203 -22.71 -3.69 -10.16
CA THR A 203 -23.52 -4.23 -11.24
C THR A 203 -24.48 -5.32 -10.80
N LEU A 204 -24.18 -6.02 -9.71
CA LEU A 204 -24.93 -7.20 -9.36
C LEU A 204 -26.20 -6.85 -8.60
N PRO A 205 -27.28 -7.62 -8.80
CA PRO A 205 -28.52 -7.34 -8.09
C PRO A 205 -28.39 -7.69 -6.62
N LYS A 206 -28.97 -6.84 -5.77
CA LYS A 206 -28.90 -7.05 -4.34
C LYS A 206 -29.56 -8.38 -3.94
N SER A 207 -28.94 -9.06 -3.00
CA SER A 207 -29.39 -10.36 -2.52
C SER A 207 -29.65 -10.31 -1.04
N ARG A 208 -30.85 -10.74 -0.63
CA ARG A 208 -31.20 -10.90 0.77
C ARG A 208 -31.99 -12.19 0.95
N LEU A 209 -32.09 -12.61 2.22
CA LEU A 209 -33.01 -13.70 2.51
C LEU A 209 -34.43 -13.16 2.61
N PRO A 210 -35.43 -13.90 2.15
CA PRO A 210 -36.79 -13.35 2.13
C PRO A 210 -37.38 -13.21 3.52
N GLN A 211 -38.23 -12.19 3.68
CA GLN A 211 -38.78 -11.86 4.99
C GLN A 211 -39.52 -13.03 5.64
N ASN A 212 -40.12 -13.91 4.83
CA ASN A 212 -40.78 -15.09 5.38
C ASN A 212 -39.83 -15.95 6.20
N ILE A 213 -38.52 -15.85 5.98
CA ILE A 213 -37.54 -16.61 6.74
C ILE A 213 -37.15 -15.92 8.03
N THR A 214 -36.89 -14.61 7.97
CA THR A 214 -36.21 -13.91 9.05
C THR A 214 -37.12 -13.13 9.98
N LEU A 215 -38.38 -12.90 9.61
CA LEU A 215 -39.23 -11.94 10.29
C LEU A 215 -40.53 -12.58 10.74
N THR A 216 -40.97 -12.18 11.94
CA THR A 216 -42.22 -12.66 12.52
C THR A 216 -43.03 -11.45 12.97
N GLU A 217 -44.27 -11.36 12.49
CA GLU A 217 -45.18 -10.28 12.86
C GLU A 217 -46.15 -10.80 13.92
N VAL A 218 -46.33 -10.02 14.98
CA VAL A 218 -47.24 -10.40 16.05
C VAL A 218 -48.14 -9.22 16.42
N ASP B 3 -28.11 16.36 3.55
CA ASP B 3 -29.31 15.60 3.91
C ASP B 3 -29.11 14.85 5.22
N ILE B 4 -28.25 13.84 5.18
CA ILE B 4 -28.03 12.98 6.34
C ILE B 4 -27.34 13.66 7.51
N ILE B 5 -26.55 14.72 7.29
CA ILE B 5 -25.79 15.28 8.41
C ILE B 5 -26.71 15.90 9.45
N SER B 6 -27.61 16.77 9.02
CA SER B 6 -28.58 17.37 9.94
C SER B 6 -29.62 16.36 10.42
N VAL B 7 -29.91 15.30 9.66
CA VAL B 7 -30.76 14.23 10.20
C VAL B 7 -30.08 13.60 11.41
N ALA B 8 -28.79 13.30 11.28
CA ALA B 8 -28.02 12.75 12.39
C ALA B 8 -27.86 13.73 13.54
N LEU B 9 -28.02 15.02 13.28
CA LEU B 9 -27.81 16.04 14.31
C LEU B 9 -29.07 16.38 15.09
N LYS B 10 -30.25 15.91 14.67
CA LYS B 10 -31.46 16.13 15.43
C LYS B 10 -32.21 14.87 15.84
N ARG B 11 -31.95 13.72 15.20
CA ARG B 11 -32.52 12.48 15.71
C ARG B 11 -32.14 12.30 17.17
N HIS B 12 -33.08 11.80 17.96
CA HIS B 12 -32.87 11.68 19.39
C HIS B 12 -33.62 10.49 19.92
N SER B 13 -33.15 9.97 21.04
CA SER B 13 -33.81 8.87 21.75
C SER B 13 -35.03 9.42 22.47
N THR B 14 -36.21 9.16 21.91
CA THR B 14 -37.45 9.62 22.51
C THR B 14 -37.75 8.82 23.77
N LYS B 15 -38.06 9.51 24.85
CA LYS B 15 -38.33 8.89 26.14
C LYS B 15 -39.81 8.70 26.42
N ALA B 16 -40.69 9.25 25.58
CA ALA B 16 -42.13 9.09 25.73
C ALA B 16 -42.79 9.18 24.36
N PHE B 17 -43.66 8.22 24.06
CA PHE B 17 -44.35 8.12 22.78
C PHE B 17 -45.81 8.54 22.88
N ASP B 18 -46.35 8.97 21.73
CA ASP B 18 -47.78 9.23 21.59
C ASP B 18 -48.43 7.97 21.04
N ALA B 19 -49.37 7.40 21.79
CA ALA B 19 -49.93 6.09 21.45
C ALA B 19 -50.74 6.12 20.17
N SER B 20 -51.33 7.28 19.86
CA SER B 20 -52.27 7.41 18.71
C SER B 20 -51.58 7.62 17.35
N LYS B 21 -50.35 8.13 17.32
CA LYS B 21 -49.71 8.39 16.03
C LYS B 21 -49.15 7.08 15.48
N LYS B 22 -49.87 6.49 14.53
CA LYS B 22 -49.56 5.20 13.95
C LYS B 22 -48.79 5.39 12.66
N LEU B 23 -48.00 4.37 12.34
CA LEU B 23 -47.19 4.37 11.12
C LEU B 23 -48.05 4.20 9.88
N THR B 24 -47.66 4.90 8.81
CA THR B 24 -48.30 4.74 7.52
C THR B 24 -48.31 3.27 7.11
N PRO B 25 -49.36 2.80 6.41
CA PRO B 25 -49.37 1.40 5.98
C PRO B 25 -48.16 1.01 5.16
N GLU B 26 -47.58 1.97 4.43
CA GLU B 26 -46.37 1.73 3.64
C GLU B 26 -45.09 1.86 4.45
N GLN B 27 -44.96 2.89 5.31
CA GLN B 27 -43.76 2.95 6.13
C GLN B 27 -43.67 1.73 7.05
N ALA B 28 -44.81 1.11 7.37
CA ALA B 28 -44.78 -0.14 8.12
C ALA B 28 -44.14 -1.25 7.28
N GLU B 29 -44.07 -1.06 5.96
CA GLU B 29 -43.36 -1.99 5.11
C GLU B 29 -41.94 -1.55 4.77
N GLN B 30 -41.62 -0.26 4.84
CA GLN B 30 -40.21 0.10 4.68
C GLN B 30 -39.43 -0.10 5.96
N ILE B 31 -40.07 0.06 7.12
CA ILE B 31 -39.46 -0.40 8.37
C ILE B 31 -39.05 -1.87 8.21
N LYS B 32 -39.89 -2.66 7.54
CA LYS B 32 -39.52 -4.04 7.26
C LYS B 32 -38.31 -4.07 6.33
N THR B 33 -38.27 -3.14 5.37
CA THR B 33 -37.26 -3.15 4.32
C THR B 33 -35.87 -2.80 4.85
N LEU B 34 -35.79 -1.85 5.78
CA LEU B 34 -34.49 -1.47 6.34
C LEU B 34 -33.86 -2.61 7.14
N LEU B 35 -34.67 -3.44 7.79
CA LEU B 35 -34.13 -4.54 8.59
C LEU B 35 -33.50 -5.62 7.70
N GLN B 36 -34.08 -5.89 6.54
CA GLN B 36 -33.55 -6.96 5.69
C GLN B 36 -32.33 -6.50 4.90
N TYR B 37 -32.42 -5.37 4.21
CA TYR B 37 -31.35 -4.93 3.32
C TYR B 37 -30.30 -4.10 4.05
N SER B 38 -29.80 -4.67 5.16
CA SER B 38 -28.63 -4.22 5.92
C SER B 38 -27.44 -5.13 5.69
N PRO B 39 -26.22 -4.60 5.64
CA PRO B 39 -25.05 -5.45 5.38
C PRO B 39 -24.64 -6.26 6.59
N SER B 40 -23.90 -7.33 6.31
CA SER B 40 -23.48 -8.33 7.29
C SER B 40 -22.22 -9.00 6.77
N SER B 41 -21.35 -9.39 7.70
CA SER B 41 -20.10 -10.09 7.39
C SER B 41 -20.31 -11.24 6.40
N THR B 42 -19.70 -11.14 5.21
CA THR B 42 -19.88 -12.16 4.16
C THR B 42 -21.35 -12.49 3.89
N ASN B 43 -22.23 -11.50 4.03
CA ASN B 43 -23.66 -11.67 3.82
C ASN B 43 -24.21 -12.77 4.72
N SER B 44 -23.65 -12.89 5.92
CA SER B 44 -24.09 -13.92 6.85
C SER B 44 -25.55 -13.74 7.22
N GLN B 45 -25.94 -12.52 7.57
CA GLN B 45 -27.28 -12.15 8.01
C GLN B 45 -27.74 -13.01 9.18
N PRO B 46 -26.97 -13.12 10.27
CA PRO B 46 -27.26 -14.11 11.33
C PRO B 46 -28.31 -13.62 12.33
N TRP B 47 -29.43 -13.11 11.82
CA TRP B 47 -30.38 -12.40 12.65
C TRP B 47 -31.79 -12.94 12.44
N HIS B 48 -32.68 -12.57 13.37
CA HIS B 48 -34.12 -12.80 13.25
C HIS B 48 -34.86 -11.66 13.92
N PHE B 49 -35.96 -11.21 13.33
CA PHE B 49 -36.72 -10.05 13.80
C PHE B 49 -38.15 -10.42 14.17
N ILE B 50 -38.60 -9.93 15.33
CA ILE B 50 -39.99 -9.98 15.74
C ILE B 50 -40.52 -8.55 15.80
N VAL B 51 -41.37 -8.17 14.84
CA VAL B 51 -42.00 -6.85 14.82
C VAL B 51 -43.40 -6.95 15.42
N ALA B 52 -43.60 -6.27 16.54
CA ALA B 52 -44.89 -6.29 17.26
C ALA B 52 -45.63 -4.99 16.94
N SER B 53 -46.76 -5.09 16.23
CA SER B 53 -47.55 -3.94 15.85
C SER B 53 -48.87 -3.88 16.59
N THR B 54 -49.19 -4.88 17.38
CA THR B 54 -50.49 -5.02 18.00
C THR B 54 -50.36 -4.73 19.48
N GLU B 55 -51.48 -4.38 20.10
CA GLU B 55 -51.36 -4.14 21.53
C GLU B 55 -51.40 -5.44 22.30
N GLU B 56 -51.48 -6.54 21.56
CA GLU B 56 -51.27 -7.86 22.11
C GLU B 56 -49.79 -8.21 22.09
N GLY B 57 -49.13 -7.93 20.96
CA GLY B 57 -47.70 -8.19 20.83
C GLY B 57 -46.83 -7.24 21.64
N LYS B 58 -47.17 -5.95 21.63
CA LYS B 58 -46.39 -4.97 22.37
C LYS B 58 -46.44 -5.22 23.86
N ALA B 59 -47.54 -5.78 24.37
CA ALA B 59 -47.64 -6.11 25.78
C ALA B 59 -46.71 -7.25 26.17
N ARG B 60 -46.63 -8.29 25.32
CA ARG B 60 -45.81 -9.46 25.65
C ARG B 60 -44.34 -9.10 25.76
N VAL B 61 -43.87 -8.18 24.91
CA VAL B 61 -42.48 -7.76 25.00
C VAL B 61 -42.24 -6.95 26.27
N ALA B 62 -43.14 -6.00 26.58
CA ALA B 62 -42.96 -5.13 27.73
C ALA B 62 -42.89 -5.87 29.06
N LYS B 63 -43.27 -7.15 29.10
CA LYS B 63 -43.00 -7.95 30.30
C LYS B 63 -41.50 -8.02 30.56
N SER B 64 -40.69 -8.00 29.50
CA SER B 64 -39.23 -7.98 29.63
C SER B 64 -38.74 -6.83 30.51
N ALA B 65 -39.42 -5.68 30.46
CA ALA B 65 -38.90 -4.48 31.11
C ALA B 65 -39.26 -4.47 32.58
N ALA B 66 -38.91 -5.54 33.28
CA ALA B 66 -39.19 -5.70 34.70
C ALA B 66 -37.90 -5.59 35.50
N GLY B 67 -38.05 -5.60 36.82
CA GLY B 67 -36.91 -5.52 37.71
C GLY B 67 -36.36 -4.11 37.78
N ASN B 68 -35.11 -3.93 37.36
CA ASN B 68 -34.51 -2.60 37.25
C ASN B 68 -34.68 -2.01 35.86
N TYR B 69 -35.65 -2.48 35.09
CA TYR B 69 -35.88 -2.00 33.73
C TYR B 69 -37.24 -1.34 33.60
N VAL B 70 -37.83 -0.92 34.72
CA VAL B 70 -39.21 -0.42 34.70
C VAL B 70 -39.36 0.83 33.85
N PHE B 71 -38.34 1.69 33.82
CA PHE B 71 -38.42 2.94 33.08
C PHE B 71 -38.50 2.75 31.55
N ASN B 72 -38.23 1.56 31.05
CA ASN B 72 -38.29 1.29 29.61
C ASN B 72 -39.59 0.65 29.15
N GLU B 73 -40.58 0.46 30.02
CA GLU B 73 -41.76 -0.30 29.61
C GLU B 73 -42.77 0.55 28.84
N ARG B 74 -42.96 1.83 29.20
CA ARG B 74 -43.90 2.66 28.47
C ARG B 74 -43.48 2.85 27.02
N LYS B 75 -42.17 2.84 26.76
CA LYS B 75 -41.69 2.89 25.38
C LYS B 75 -42.12 1.64 24.63
N MET B 76 -42.18 0.50 25.33
CA MET B 76 -42.60 -0.75 24.70
C MET B 76 -44.08 -0.78 24.36
N LEU B 77 -44.90 -0.05 25.11
CA LEU B 77 -46.36 -0.11 24.97
C LEU B 77 -46.95 1.03 24.14
N ASP B 78 -46.51 2.26 24.45
CA ASP B 78 -46.99 3.54 23.86
C ASP B 78 -46.64 3.69 22.37
N ALA B 79 -45.49 3.16 21.96
CA ALA B 79 -45.05 3.20 20.57
C ALA B 79 -45.93 2.28 19.72
N SER B 80 -45.96 2.57 18.42
CA SER B 80 -46.85 1.83 17.53
C SER B 80 -46.19 0.53 17.04
N HIS B 81 -44.94 0.61 16.59
CA HIS B 81 -44.23 -0.54 16.04
C HIS B 81 -42.95 -0.79 16.83
N VAL B 82 -42.84 -1.97 17.41
CA VAL B 82 -41.72 -2.37 18.26
C VAL B 82 -40.94 -3.48 17.56
N VAL B 83 -39.65 -3.24 17.30
CA VAL B 83 -38.77 -4.22 16.69
C VAL B 83 -37.89 -4.84 17.78
N VAL B 84 -37.75 -6.16 17.75
CA VAL B 84 -36.86 -6.89 18.66
C VAL B 84 -35.75 -7.51 17.84
N PHE B 85 -34.53 -7.03 18.04
CA PHE B 85 -33.36 -7.57 17.33
C PHE B 85 -32.87 -8.84 18.01
N CYS B 86 -32.76 -9.92 17.24
CA CYS B 86 -32.24 -11.19 17.74
C CYS B 86 -31.13 -11.69 16.83
N ALA B 87 -30.22 -12.47 17.42
CA ALA B 87 -29.10 -13.07 16.71
C ALA B 87 -29.06 -14.56 16.94
N LYS B 88 -28.46 -15.29 16.00
CA LYS B 88 -28.30 -16.73 16.16
C LYS B 88 -27.42 -17.05 17.37
N THR B 89 -27.78 -18.13 18.07
CA THR B 89 -26.89 -18.66 19.10
C THR B 89 -25.61 -19.22 18.47
N ALA B 90 -25.77 -20.07 17.45
CA ALA B 90 -24.65 -20.75 16.82
C ALA B 90 -24.91 -20.83 15.31
N MET B 91 -23.82 -20.90 14.55
CA MET B 91 -23.86 -20.85 13.09
C MET B 91 -23.75 -22.26 12.51
N ASP B 92 -24.88 -22.83 12.10
CA ASP B 92 -24.93 -24.16 11.51
C ASP B 92 -24.49 -24.14 10.05
N ASP B 93 -24.10 -25.32 9.54
CA ASP B 93 -23.67 -25.45 8.15
C ASP B 93 -24.83 -25.28 7.17
N VAL B 94 -26.04 -25.68 7.56
CA VAL B 94 -27.15 -25.64 6.62
C VAL B 94 -27.66 -24.21 6.47
N TRP B 95 -27.55 -23.40 7.52
CA TRP B 95 -27.97 -22.01 7.43
C TRP B 95 -27.07 -21.20 6.51
N LEU B 96 -25.76 -21.47 6.51
CA LEU B 96 -24.88 -20.82 5.54
C LEU B 96 -25.05 -21.41 4.15
N LYS B 97 -25.55 -22.64 4.04
CA LYS B 97 -25.98 -23.15 2.75
C LYS B 97 -27.15 -22.34 2.21
N LEU B 98 -28.05 -21.93 3.11
CA LEU B 98 -29.23 -21.18 2.71
C LEU B 98 -28.85 -19.80 2.18
N VAL B 99 -27.79 -19.21 2.73
CA VAL B 99 -27.33 -17.90 2.28
C VAL B 99 -26.89 -17.94 0.82
N VAL B 100 -26.03 -18.90 0.46
CA VAL B 100 -25.48 -18.94 -0.89
C VAL B 100 -26.54 -19.33 -1.91
N ASP B 101 -27.39 -20.31 -1.58
CA ASP B 101 -28.47 -20.69 -2.48
C ASP B 101 -29.38 -19.50 -2.78
N GLN B 102 -29.63 -18.66 -1.78
CA GLN B 102 -30.43 -17.46 -2.00
C GLN B 102 -29.70 -16.48 -2.91
N GLU B 103 -28.38 -16.37 -2.74
CA GLU B 103 -27.57 -15.63 -3.68
C GLU B 103 -27.66 -16.22 -5.08
N ASP B 104 -27.60 -17.54 -5.17
CA ASP B 104 -27.72 -18.22 -6.46
C ASP B 104 -29.02 -17.87 -7.16
N ALA B 105 -30.14 -17.86 -6.43
CA ALA B 105 -31.43 -17.57 -7.04
C ALA B 105 -31.58 -16.09 -7.41
N ASP B 106 -30.90 -15.20 -6.70
CA ASP B 106 -31.03 -13.77 -6.95
C ASP B 106 -30.13 -13.27 -8.07
N GLY B 107 -29.27 -14.12 -8.64
CA GLY B 107 -28.53 -13.77 -9.83
C GLY B 107 -27.17 -13.13 -9.61
N ARG B 108 -26.45 -13.57 -8.60
CA ARG B 108 -25.11 -13.05 -8.33
C ARG B 108 -24.01 -13.86 -9.00
N PHE B 109 -24.32 -15.08 -9.45
CA PHE B 109 -23.27 -15.93 -10.05
C PHE B 109 -23.59 -16.25 -11.53
N ALA B 110 -22.59 -16.07 -12.40
CA ALA B 110 -22.73 -16.38 -13.84
C ALA B 110 -22.52 -17.89 -14.02
N THR B 111 -21.30 -18.35 -13.78
CA THR B 111 -20.95 -19.80 -13.88
C THR B 111 -21.03 -20.43 -12.48
N PRO B 112 -20.92 -21.77 -12.35
CA PRO B 112 -21.00 -22.45 -11.04
C PRO B 112 -19.76 -22.25 -10.15
N GLU B 113 -18.58 -22.10 -10.76
CA GLU B 113 -17.33 -21.94 -10.02
C GLU B 113 -17.44 -20.87 -8.93
N ALA B 114 -18.11 -19.75 -9.24
CA ALA B 114 -18.20 -18.65 -8.27
C ALA B 114 -19.03 -19.03 -7.05
N LYS B 115 -20.07 -19.84 -7.25
CA LYS B 115 -20.90 -20.25 -6.12
C LYS B 115 -20.06 -21.03 -5.11
N ALA B 116 -19.32 -22.03 -5.58
CA ALA B 116 -18.46 -22.78 -4.67
C ALA B 116 -17.46 -21.85 -3.97
N ALA B 117 -16.85 -20.93 -4.72
CA ALA B 117 -15.84 -20.04 -4.12
C ALA B 117 -16.42 -19.25 -2.95
N ASN B 118 -17.55 -18.56 -3.17
CA ASN B 118 -18.19 -17.81 -2.09
C ASN B 118 -18.52 -18.72 -0.92
N ASP B 119 -18.95 -19.94 -1.19
CA ASP B 119 -19.37 -20.85 -0.12
C ASP B 119 -18.25 -21.03 0.89
N LYS B 120 -17.03 -21.04 0.40
CA LYS B 120 -15.82 -21.21 1.19
C LYS B 120 -15.15 -19.90 1.59
N GLY B 121 -15.29 -18.85 0.77
CA GLY B 121 -15.02 -17.51 1.28
C GLY B 121 -15.85 -17.22 2.51
N ARG B 122 -17.06 -17.79 2.57
CA ARG B 122 -17.85 -17.73 3.79
C ARG B 122 -17.35 -18.73 4.83
N LYS B 123 -17.04 -19.96 4.39
CA LYS B 123 -16.59 -21.01 5.30
C LYS B 123 -15.17 -20.78 5.79
N PHE B 124 -14.44 -19.81 5.23
CA PHE B 124 -13.17 -19.39 5.82
C PHE B 124 -13.41 -18.58 7.08
N PHE B 125 -14.20 -17.50 6.97
CA PHE B 125 -14.51 -16.66 8.12
C PHE B 125 -15.32 -17.42 9.16
N ALA B 126 -16.27 -18.24 8.74
CA ALA B 126 -17.08 -19.01 9.68
C ALA B 126 -16.19 -19.91 10.53
N ASP B 127 -15.35 -20.73 9.88
CA ASP B 127 -14.42 -21.59 10.60
C ASP B 127 -13.46 -20.76 11.45
N MET B 128 -13.12 -19.55 11.00
CA MET B 128 -12.24 -18.68 11.78
C MET B 128 -12.85 -18.37 13.14
N HIS B 129 -14.15 -18.07 13.17
CA HIS B 129 -14.77 -17.70 14.44
C HIS B 129 -15.40 -18.85 15.20
N ARG B 130 -16.00 -19.80 14.49
CA ARG B 130 -16.77 -20.85 15.20
C ARG B 130 -15.91 -22.04 15.64
N LYS B 131 -14.63 -22.07 15.24
CA LYS B 131 -13.79 -23.26 15.58
C LYS B 131 -12.47 -22.85 16.25
N ASP B 132 -11.87 -21.73 15.83
CA ASP B 132 -10.57 -21.31 16.40
C ASP B 132 -10.76 -20.29 17.53
N LEU B 133 -11.47 -19.19 17.25
CA LEU B 133 -11.68 -18.14 18.23
C LEU B 133 -12.80 -18.46 19.20
N HIS B 134 -13.82 -19.19 18.74
CA HIS B 134 -14.95 -19.60 19.57
C HIS B 134 -15.74 -18.39 20.10
N ASP B 135 -15.86 -17.35 19.27
CA ASP B 135 -16.70 -16.20 19.58
C ASP B 135 -17.79 -16.02 18.52
N ASP B 136 -18.33 -17.13 18.02
CA ASP B 136 -19.33 -17.03 16.97
C ASP B 136 -20.60 -16.32 17.45
N ALA B 137 -21.04 -16.60 18.68
CA ALA B 137 -22.20 -15.90 19.20
C ALA B 137 -21.94 -14.40 19.19
N GLU B 138 -20.79 -13.98 19.70
CA GLU B 138 -20.46 -12.56 19.71
C GLU B 138 -20.20 -12.04 18.31
N TRP B 139 -19.53 -12.83 17.46
CA TRP B 139 -19.31 -12.46 16.06
C TRP B 139 -20.64 -12.14 15.38
N MET B 140 -21.64 -13.00 15.57
CA MET B 140 -22.94 -12.79 14.95
C MET B 140 -23.71 -11.64 15.61
N ALA B 141 -23.54 -11.45 16.91
CA ALA B 141 -24.20 -10.35 17.60
C ALA B 141 -23.78 -9.00 17.05
N LYS B 142 -22.49 -8.81 16.76
CA LYS B 142 -22.01 -7.51 16.30
C LYS B 142 -22.56 -7.18 14.92
N GLN B 143 -22.85 -8.19 14.10
CA GLN B 143 -23.54 -7.93 12.82
C GLN B 143 -24.89 -7.26 13.04
N VAL B 144 -25.56 -7.57 14.15
CA VAL B 144 -26.90 -7.06 14.36
C VAL B 144 -26.90 -5.67 14.97
N TYR B 145 -25.89 -5.34 15.80
CA TYR B 145 -25.75 -3.97 16.26
C TYR B 145 -25.46 -3.02 15.10
N LEU B 146 -24.75 -3.49 14.08
CA LEU B 146 -24.59 -2.72 12.85
C LEU B 146 -25.95 -2.44 12.22
N ASN B 147 -26.79 -3.46 12.14
CA ASN B 147 -28.15 -3.28 11.63
C ASN B 147 -28.92 -2.30 12.50
N VAL B 148 -28.78 -2.40 13.82
CA VAL B 148 -29.39 -1.41 14.72
C VAL B 148 -29.00 0.00 14.29
N GLY B 149 -27.70 0.24 14.14
CA GLY B 149 -27.25 1.56 13.71
C GLY B 149 -27.82 1.96 12.37
N ASN B 150 -27.79 1.03 11.40
CA ASN B 150 -28.46 1.25 10.12
C ASN B 150 -29.93 1.61 10.32
N PHE B 151 -30.58 0.96 11.28
CA PHE B 151 -32.00 1.18 11.50
C PHE B 151 -32.28 2.55 12.11
N LEU B 152 -31.50 2.94 13.12
CA LEU B 152 -31.82 4.15 13.88
C LEU B 152 -31.66 5.41 13.04
N LEU B 153 -30.74 5.40 12.07
CA LEU B 153 -30.64 6.53 11.15
C LEU B 153 -31.72 6.43 10.06
N GLY B 154 -32.13 5.21 9.71
CA GLY B 154 -33.17 5.01 8.72
C GLY B 154 -34.52 5.60 9.09
N VAL B 155 -35.05 5.20 10.26
CA VAL B 155 -36.35 5.71 10.68
C VAL B 155 -36.30 7.20 10.95
N ALA B 156 -35.18 7.70 11.47
CA ALA B 156 -35.01 9.14 11.68
C ALA B 156 -35.20 9.91 10.38
N ALA B 157 -34.49 9.51 9.32
CA ALA B 157 -34.63 10.20 8.04
C ALA B 157 -36.02 10.00 7.46
N LEU B 158 -36.68 8.89 7.77
CA LEU B 158 -38.05 8.64 7.35
C LEU B 158 -39.06 9.44 8.15
N GLY B 159 -38.62 10.29 9.07
CA GLY B 159 -39.51 11.11 9.86
C GLY B 159 -40.18 10.40 11.02
N LEU B 160 -39.60 9.31 11.51
CA LEU B 160 -40.17 8.56 12.62
C LEU B 160 -39.30 8.70 13.86
N ASP B 161 -39.95 8.65 15.02
CA ASP B 161 -39.25 8.72 16.31
C ASP B 161 -38.91 7.32 16.81
N ALA B 162 -37.76 7.18 17.46
CA ALA B 162 -37.31 5.87 17.91
C ALA B 162 -36.35 6.04 19.08
N VAL B 163 -36.11 4.93 19.77
CA VAL B 163 -35.14 4.85 20.86
C VAL B 163 -34.56 3.44 20.90
N PRO B 164 -33.24 3.26 20.95
CA PRO B 164 -32.67 1.94 21.19
C PRO B 164 -32.62 1.62 22.68
N ILE B 165 -32.94 0.38 23.03
CA ILE B 165 -32.89 -0.08 24.43
C ILE B 165 -32.29 -1.48 24.60
N GLU B 166 -31.31 -1.55 25.51
CA GLU B 166 -30.61 -2.72 26.04
C GLU B 166 -31.06 -3.05 27.44
N GLY B 167 -31.69 -2.11 28.15
CA GLY B 167 -32.09 -2.33 29.53
C GLY B 167 -33.35 -3.15 29.60
N PHE B 168 -33.23 -4.44 29.33
CA PHE B 168 -34.34 -5.38 29.43
C PHE B 168 -33.81 -6.74 29.81
N ASP B 169 -34.67 -7.56 30.41
CA ASP B 169 -34.28 -8.89 30.89
C ASP B 169 -34.44 -9.85 29.71
N ALA B 170 -33.32 -10.15 29.05
CA ALA B 170 -33.31 -11.03 27.90
C ALA B 170 -33.92 -12.40 28.17
N ALA B 171 -33.73 -12.93 29.38
CA ALA B 171 -34.16 -14.30 29.67
C ALA B 171 -35.66 -14.48 29.47
N ILE B 172 -36.47 -13.52 29.92
CA ILE B 172 -37.92 -13.65 29.76
C ILE B 172 -38.31 -13.48 28.30
N LEU B 173 -37.80 -12.42 27.66
CA LEU B 173 -38.11 -12.20 26.25
C LEU B 173 -37.74 -13.41 25.43
N ASP B 174 -36.69 -14.14 25.85
CA ASP B 174 -36.33 -15.38 25.17
C ASP B 174 -37.40 -16.44 25.36
N ALA B 175 -37.93 -16.57 26.58
CA ALA B 175 -38.99 -17.54 26.85
C ALA B 175 -40.32 -17.11 26.24
N GLU B 176 -40.62 -15.80 26.26
CA GLU B 176 -41.92 -15.32 25.81
C GLU B 176 -42.20 -15.71 24.36
N PHE B 177 -41.20 -15.59 23.49
CA PHE B 177 -41.34 -15.95 22.08
C PHE B 177 -40.50 -17.17 21.70
N GLY B 178 -40.01 -17.92 22.70
CA GLY B 178 -39.32 -19.17 22.46
C GLY B 178 -38.11 -19.07 21.54
N LEU B 179 -37.21 -18.12 21.83
CA LEU B 179 -36.05 -17.94 20.97
C LEU B 179 -34.97 -18.97 21.28
N LYS B 180 -34.92 -19.44 22.51
CA LYS B 180 -34.05 -20.56 22.86
C LYS B 180 -34.40 -21.81 22.06
N GLU B 181 -35.70 -22.06 21.88
CA GLU B 181 -36.14 -23.22 21.12
C GLU B 181 -35.86 -23.09 19.63
N LYS B 182 -36.08 -21.90 19.04
CA LYS B 182 -35.68 -21.70 17.65
C LYS B 182 -34.17 -21.60 17.47
N GLY B 183 -33.46 -21.08 18.47
CA GLY B 183 -32.02 -20.92 18.36
C GLY B 183 -31.62 -19.48 18.11
N TYR B 184 -32.14 -18.57 18.94
CA TYR B 184 -31.86 -17.15 18.83
C TYR B 184 -31.86 -16.52 20.22
N THR B 185 -31.37 -15.28 20.29
CA THR B 185 -31.30 -14.56 21.55
C THR B 185 -31.56 -13.08 21.31
N SER B 186 -32.48 -12.51 22.08
CA SER B 186 -32.79 -11.09 22.01
C SER B 186 -31.57 -10.26 22.39
N LEU B 187 -31.36 -9.15 21.66
CA LEU B 187 -30.23 -8.26 21.93
C LEU B 187 -30.67 -6.82 22.21
N VAL B 188 -31.42 -6.19 21.32
CA VAL B 188 -31.85 -4.80 21.46
C VAL B 188 -33.31 -4.68 21.07
N VAL B 189 -34.04 -3.84 21.78
CA VAL B 189 -35.45 -3.55 21.47
C VAL B 189 -35.56 -2.10 21.05
N VAL B 190 -35.99 -1.86 19.81
CA VAL B 190 -36.13 -0.54 19.26
C VAL B 190 -37.61 -0.29 18.97
N PRO B 191 -38.30 0.52 19.77
CA PRO B 191 -39.61 1.03 19.36
C PRO B 191 -39.45 2.12 18.30
N VAL B 192 -40.52 2.28 17.52
CA VAL B 192 -40.60 3.37 16.54
C VAL B 192 -42.05 3.84 16.46
N GLY B 193 -42.23 5.15 16.38
CA GLY B 193 -43.54 5.76 16.36
C GLY B 193 -43.50 7.27 16.22
N HIS B 194 -44.00 7.97 17.22
CA HIS B 194 -43.97 9.41 17.26
C HIS B 194 -43.91 9.85 18.72
N HIS B 195 -43.06 10.82 19.01
CA HIS B 195 -42.79 11.21 20.39
C HIS B 195 -43.92 12.05 20.95
N SER B 196 -44.17 11.89 22.25
CA SER B 196 -45.02 12.86 22.90
C SER B 196 -44.15 14.04 23.32
N VAL B 197 -44.77 15.18 23.56
CA VAL B 197 -44.07 16.30 24.17
C VAL B 197 -43.71 15.92 25.61
N GLU B 198 -44.19 14.75 26.05
CA GLU B 198 -43.75 14.19 27.33
C GLU B 198 -42.34 13.63 27.21
N ASP B 199 -41.75 13.72 26.03
CA ASP B 199 -40.39 13.27 25.73
C ASP B 199 -39.47 14.46 25.97
N PHE B 200 -38.81 14.47 27.13
CA PHE B 200 -37.94 15.59 27.48
C PHE B 200 -36.64 15.59 26.70
N ASN B 201 -36.36 14.56 25.90
CA ASN B 201 -35.15 14.50 25.10
C ASN B 201 -35.27 15.22 23.76
N ALA B 202 -36.49 15.39 23.24
CA ALA B 202 -36.65 16.13 22.00
C ALA B 202 -36.24 17.59 22.20
N THR B 203 -36.28 18.06 23.43
CA THR B 203 -36.04 19.46 23.74
C THR B 203 -34.60 19.78 24.08
N LEU B 204 -33.84 18.80 24.59
CA LEU B 204 -32.50 19.02 25.10
C LEU B 204 -31.43 18.92 24.02
N PRO B 205 -30.38 19.72 24.13
CA PRO B 205 -29.32 19.70 23.11
C PRO B 205 -28.44 18.46 23.20
N LYS B 206 -28.08 17.93 22.03
CA LYS B 206 -27.18 16.78 21.92
C LYS B 206 -25.79 17.10 22.47
N SER B 207 -25.20 16.11 23.14
CA SER B 207 -23.85 16.23 23.68
C SER B 207 -22.99 15.08 23.15
N ARG B 208 -21.82 15.42 22.61
CA ARG B 208 -20.80 14.45 22.22
C ARG B 208 -19.47 14.93 22.77
N LEU B 209 -18.51 14.01 22.82
CA LEU B 209 -17.16 14.40 23.20
C LEU B 209 -16.43 15.01 22.01
N PRO B 210 -15.56 15.99 22.24
CA PRO B 210 -14.95 16.71 21.12
C PRO B 210 -14.00 15.85 20.31
N GLN B 211 -13.93 16.14 19.01
CA GLN B 211 -13.17 15.32 18.07
C GLN B 211 -11.71 15.16 18.46
N ASN B 212 -11.10 16.19 19.07
CA ASN B 212 -9.72 16.08 19.52
C ASN B 212 -9.52 14.89 20.46
N ILE B 213 -10.58 14.47 21.14
CA ILE B 213 -10.52 13.31 22.03
C ILE B 213 -10.76 12.02 21.25
N THR B 214 -11.69 12.05 20.30
CA THR B 214 -12.23 10.85 19.68
C THR B 214 -11.59 10.49 18.35
N LEU B 215 -10.90 11.42 17.70
CA LEU B 215 -10.49 11.24 16.31
C LEU B 215 -9.01 11.53 16.14
N THR B 216 -8.36 10.74 15.27
CA THR B 216 -6.95 10.90 14.94
C THR B 216 -6.79 10.92 13.42
N GLU B 217 -6.19 11.99 12.90
CA GLU B 217 -5.91 12.12 11.48
C GLU B 217 -4.44 11.87 11.20
N VAL B 218 -4.16 11.08 10.16
CA VAL B 218 -2.78 10.81 9.76
C VAL B 218 -2.63 10.95 8.25
N ASP C 3 16.95 12.78 -28.44
CA ASP C 3 18.29 13.02 -28.96
C ASP C 3 19.31 12.10 -28.34
N ILE C 4 19.17 11.84 -27.05
CA ILE C 4 20.06 10.92 -26.36
C ILE C 4 19.87 9.53 -26.94
N ILE C 5 18.76 9.31 -27.66
CA ILE C 5 18.48 8.00 -28.22
C ILE C 5 19.55 7.63 -29.27
N SER C 6 19.87 8.51 -30.22
CA SER C 6 21.01 8.12 -31.06
C SER C 6 22.30 8.13 -30.28
N VAL C 7 22.36 8.89 -29.19
CA VAL C 7 23.58 8.83 -28.37
C VAL C 7 23.78 7.41 -27.87
N ALA C 8 22.71 6.79 -27.37
CA ALA C 8 22.78 5.40 -26.95
C ALA C 8 22.95 4.46 -28.13
N LEU C 9 22.57 4.90 -29.33
CA LEU C 9 22.64 4.06 -30.53
C LEU C 9 23.94 4.21 -31.31
N LYS C 10 24.80 5.19 -30.95
CA LYS C 10 26.10 5.35 -31.59
C LYS C 10 27.28 5.25 -30.66
N ARG C 11 27.10 5.45 -29.36
CA ARG C 11 28.17 5.18 -28.43
C ARG C 11 28.64 3.75 -28.65
N HIS C 12 29.94 3.53 -28.51
CA HIS C 12 30.47 2.20 -28.79
C HIS C 12 31.66 1.92 -27.88
N SER C 13 31.96 0.63 -27.72
CA SER C 13 33.14 0.23 -26.98
C SER C 13 34.39 0.49 -27.83
N THR C 14 35.10 1.57 -27.50
CA THR C 14 36.31 1.88 -28.24
C THR C 14 37.41 0.92 -27.82
N LYS C 15 38.06 0.29 -28.80
CA LYS C 15 39.09 -0.70 -28.56
C LYS C 15 40.48 -0.11 -28.67
N ALA C 16 40.60 1.12 -29.13
CA ALA C 16 41.89 1.78 -29.22
C ALA C 16 41.73 3.28 -29.07
N PHE C 17 42.52 3.87 -28.18
CA PHE C 17 42.54 5.31 -27.97
C PHE C 17 43.80 5.86 -28.61
N ASP C 18 43.72 7.10 -29.09
CA ASP C 18 44.91 7.80 -29.57
C ASP C 18 45.45 8.70 -28.48
N ALA C 19 46.72 8.50 -28.13
CA ALA C 19 47.31 9.14 -26.95
C ALA C 19 47.38 10.66 -27.07
N SER C 20 47.41 11.21 -28.28
CA SER C 20 47.58 12.66 -28.42
C SER C 20 46.39 13.43 -27.85
N LYS C 21 45.17 12.97 -28.14
CA LYS C 21 43.96 13.75 -27.87
C LYS C 21 43.59 13.70 -26.40
N LYS C 22 43.86 14.80 -25.69
CA LYS C 22 43.62 14.93 -24.26
C LYS C 22 42.30 15.67 -24.02
N LEU C 23 41.71 15.42 -22.85
CA LEU C 23 40.46 16.07 -22.46
C LEU C 23 40.68 17.55 -22.18
N THR C 24 39.79 18.40 -22.69
CA THR C 24 39.79 19.83 -22.37
C THR C 24 39.71 20.00 -20.86
N PRO C 25 40.33 21.05 -20.30
CA PRO C 25 40.29 21.25 -18.84
C PRO C 25 38.89 21.26 -18.25
N GLU C 26 37.88 21.64 -19.02
CA GLU C 26 36.51 21.59 -18.53
C GLU C 26 35.98 20.18 -18.60
N GLN C 27 36.27 19.47 -19.70
CA GLN C 27 35.87 18.06 -19.82
C GLN C 27 36.44 17.21 -18.69
N ALA C 28 37.63 17.58 -18.18
CA ALA C 28 38.24 16.80 -17.11
C ALA C 28 37.56 16.97 -15.76
N GLU C 29 36.82 18.06 -15.52
CA GLU C 29 36.06 18.16 -14.29
C GLU C 29 34.57 17.88 -14.43
N GLN C 30 34.01 17.93 -15.64
CA GLN C 30 32.61 17.53 -15.74
C GLN C 30 32.46 16.01 -15.65
N ILE C 31 33.43 15.26 -16.19
CA ILE C 31 33.47 13.82 -15.95
C ILE C 31 33.41 13.52 -14.46
N LYS C 32 34.09 14.31 -13.63
CA LYS C 32 34.07 14.09 -12.20
C LYS C 32 32.66 14.30 -11.65
N THR C 33 31.92 15.27 -12.19
CA THR C 33 30.58 15.54 -11.69
C THR C 33 29.64 14.39 -12.02
N LEU C 34 29.81 13.76 -13.19
CA LEU C 34 28.97 12.64 -13.57
C LEU C 34 29.16 11.45 -12.64
N LEU C 35 30.40 11.19 -12.20
CA LEU C 35 30.62 10.10 -11.27
C LEU C 35 30.10 10.44 -9.88
N GLN C 36 30.08 11.72 -9.53
CA GLN C 36 29.66 12.15 -8.20
C GLN C 36 28.14 12.12 -8.03
N TYR C 37 27.41 12.80 -8.91
CA TYR C 37 25.95 12.93 -8.74
C TYR C 37 25.22 11.80 -9.42
N SER C 38 25.60 10.59 -9.14
CA SER C 38 24.85 9.46 -9.65
C SER C 38 23.92 8.95 -8.56
N PRO C 39 22.75 8.44 -8.92
CA PRO C 39 21.83 8.00 -7.87
C PRO C 39 22.33 6.73 -7.21
N SER C 40 21.89 6.55 -5.97
CA SER C 40 22.36 5.51 -5.08
C SER C 40 21.25 5.26 -4.08
N SER C 41 21.09 4.00 -3.70
CA SER C 41 20.03 3.63 -2.76
C SER C 41 20.16 4.35 -1.44
N THR C 42 19.09 5.04 -1.05
CA THR C 42 19.07 5.82 0.18
C THR C 42 20.19 6.84 0.16
N ASN C 43 20.64 7.23 -1.04
CA ASN C 43 21.76 8.16 -1.23
C ASN C 43 23.03 7.71 -0.49
N SER C 44 23.23 6.38 -0.37
CA SER C 44 24.41 5.86 0.30
C SER C 44 25.70 6.26 -0.41
N GLN C 45 25.74 6.12 -1.74
CA GLN C 45 26.89 6.41 -2.59
C GLN C 45 28.14 5.63 -2.19
N PRO C 46 28.09 4.29 -2.11
CA PRO C 46 29.16 3.49 -1.51
C PRO C 46 30.37 3.21 -2.40
N TRP C 47 30.93 4.27 -2.99
CA TRP C 47 31.95 4.12 -4.02
C TRP C 47 33.17 4.97 -3.70
N HIS C 48 34.26 4.70 -4.44
CA HIS C 48 35.44 5.54 -4.48
C HIS C 48 36.04 5.46 -5.88
N PHE C 49 36.53 6.59 -6.38
CA PHE C 49 37.02 6.71 -7.74
C PHE C 49 38.50 7.09 -7.74
N ILE C 50 39.28 6.41 -8.56
CA ILE C 50 40.69 6.74 -8.81
C ILE C 50 40.78 7.26 -10.24
N VAL C 51 40.99 8.56 -10.38
CA VAL C 51 41.16 9.20 -11.68
C VAL C 51 42.65 9.31 -11.97
N ALA C 52 43.13 8.57 -12.96
CA ALA C 52 44.55 8.57 -13.33
C ALA C 52 44.72 9.47 -14.54
N SER C 53 45.34 10.64 -14.32
CA SER C 53 45.54 11.63 -15.37
C SER C 53 47.00 11.83 -15.76
N THR C 54 47.93 11.17 -15.06
CA THR C 54 49.37 11.37 -15.22
C THR C 54 50.06 10.15 -15.81
N GLU C 55 51.29 10.37 -16.28
CA GLU C 55 52.07 9.29 -16.88
C GLU C 55 52.28 8.14 -15.92
N GLU C 56 52.39 8.46 -14.63
CA GLU C 56 52.62 7.47 -13.58
C GLU C 56 51.32 6.85 -13.08
N GLY C 57 50.27 7.67 -12.98
CA GLY C 57 48.98 7.14 -12.55
C GLY C 57 48.38 6.16 -13.53
N LYS C 58 48.47 6.45 -14.83
CA LYS C 58 47.94 5.52 -15.80
C LYS C 58 48.74 4.23 -15.83
N ALA C 59 50.05 4.30 -15.59
CA ALA C 59 50.86 3.10 -15.53
C ALA C 59 50.53 2.27 -14.31
N ARG C 60 50.31 2.92 -13.16
CA ARG C 60 50.00 2.20 -11.93
C ARG C 60 48.69 1.44 -12.06
N VAL C 61 47.72 2.01 -12.78
CA VAL C 61 46.47 1.29 -13.05
C VAL C 61 46.72 0.14 -14.01
N ALA C 62 47.46 0.40 -15.09
CA ALA C 62 47.75 -0.62 -16.10
C ALA C 62 48.47 -1.83 -15.53
N LYS C 63 48.95 -1.76 -14.29
CA LYS C 63 49.50 -2.94 -13.64
C LYS C 63 48.50 -4.09 -13.58
N SER C 64 47.22 -3.78 -13.42
CA SER C 64 46.17 -4.79 -13.35
C SER C 64 46.09 -5.67 -14.60
N ALA C 65 46.32 -5.07 -15.77
CA ALA C 65 46.28 -5.82 -17.06
C ALA C 65 47.47 -6.76 -17.15
N ALA C 66 47.38 -7.93 -16.51
CA ALA C 66 48.47 -8.93 -16.52
C ALA C 66 47.89 -10.34 -16.72
N GLY C 67 48.56 -11.17 -17.51
CA GLY C 67 48.11 -12.55 -17.79
C GLY C 67 47.18 -12.60 -18.99
N ASN C 68 45.92 -12.97 -18.77
CA ASN C 68 44.95 -13.07 -19.85
C ASN C 68 44.19 -11.76 -20.05
N TYR C 69 44.73 -10.66 -19.55
CA TYR C 69 44.11 -9.34 -19.66
C TYR C 69 45.00 -8.39 -20.45
N VAL C 70 45.98 -8.94 -21.17
CA VAL C 70 46.99 -8.14 -21.91
C VAL C 70 46.34 -7.11 -22.83
N PHE C 71 45.32 -7.50 -23.60
CA PHE C 71 44.73 -6.54 -24.53
C PHE C 71 44.07 -5.36 -23.85
N ASN C 72 43.83 -5.41 -22.54
CA ASN C 72 43.12 -4.32 -21.88
C ASN C 72 44.04 -3.25 -21.30
N GLU C 73 45.36 -3.43 -21.37
CA GLU C 73 46.25 -2.44 -20.78
C GLU C 73 46.57 -1.31 -21.77
N ARG C 74 46.61 -1.62 -23.08
CA ARG C 74 46.86 -0.57 -24.06
C ARG C 74 45.80 0.53 -23.97
N LYS C 75 44.55 0.16 -23.67
CA LYS C 75 43.48 1.15 -23.51
C LYS C 75 43.70 2.03 -22.30
N MET C 76 44.19 1.47 -21.19
CA MET C 76 44.42 2.24 -19.98
C MET C 76 45.58 3.22 -20.10
N LEU C 77 46.51 2.96 -21.01
CA LEU C 77 47.69 3.79 -21.15
C LEU C 77 47.48 4.89 -22.17
N ASP C 78 46.84 4.55 -23.29
CA ASP C 78 46.67 5.48 -24.40
C ASP C 78 45.54 6.47 -24.15
N ALA C 79 44.54 6.07 -23.36
CA ALA C 79 43.43 6.95 -23.00
C ALA C 79 43.91 8.19 -22.25
N SER C 80 43.06 9.22 -22.25
CA SER C 80 43.41 10.48 -21.61
C SER C 80 43.16 10.46 -20.11
N HIS C 81 41.96 10.05 -19.69
CA HIS C 81 41.58 9.97 -18.28
C HIS C 81 41.07 8.57 -17.99
N VAL C 82 41.69 7.87 -17.04
CA VAL C 82 41.33 6.50 -16.69
C VAL C 82 40.69 6.51 -15.31
N VAL C 83 39.44 6.07 -15.25
CA VAL C 83 38.66 5.99 -14.01
C VAL C 83 38.62 4.54 -13.54
N VAL C 84 38.84 4.35 -12.24
CA VAL C 84 38.73 3.03 -11.62
C VAL C 84 37.57 3.07 -10.63
N PHE C 85 36.49 2.35 -10.94
CA PHE C 85 35.35 2.25 -10.03
C PHE C 85 35.63 1.22 -8.95
N CYS C 86 35.54 1.64 -7.69
CA CYS C 86 35.73 0.76 -6.55
C CYS C 86 34.55 0.89 -5.60
N ALA C 87 34.29 -0.18 -4.83
CA ALA C 87 33.18 -0.23 -3.88
C ALA C 87 33.68 -0.53 -2.47
N LYS C 88 32.91 -0.06 -1.48
CA LYS C 88 33.23 -0.25 -0.07
C LYS C 88 33.25 -1.73 0.33
N THR C 89 34.07 -2.04 1.35
CA THR C 89 34.12 -3.38 1.92
C THR C 89 32.79 -3.78 2.57
N ALA C 90 32.38 -3.00 3.55
CA ALA C 90 31.21 -3.26 4.36
C ALA C 90 30.65 -1.90 4.75
N MET C 91 29.37 -1.86 5.06
CA MET C 91 28.71 -0.58 5.32
C MET C 91 28.74 -0.31 6.81
N ASP C 92 29.72 0.50 7.23
CA ASP C 92 29.87 0.91 8.61
C ASP C 92 28.92 2.04 8.97
N ASP C 93 28.65 2.17 10.28
CA ASP C 93 27.74 3.20 10.76
C ASP C 93 28.31 4.61 10.63
N VAL C 94 29.63 4.78 10.68
CA VAL C 94 30.18 6.13 10.71
C VAL C 94 30.13 6.78 9.33
N TRP C 95 30.26 6.01 8.26
CA TRP C 95 30.14 6.59 6.93
C TRP C 95 28.70 7.00 6.64
N LEU C 96 27.74 6.20 7.09
CA LEU C 96 26.34 6.60 6.90
C LEU C 96 25.95 7.73 7.84
N LYS C 97 26.68 7.97 8.92
CA LYS C 97 26.47 9.16 9.74
C LYS C 97 26.75 10.42 8.92
N LEU C 98 27.85 10.41 8.15
CA LEU C 98 28.18 11.56 7.32
C LEU C 98 27.22 11.68 6.15
N VAL C 99 26.67 10.55 5.69
CA VAL C 99 25.62 10.62 4.67
C VAL C 99 24.48 11.47 5.18
N VAL C 100 24.08 11.25 6.43
CA VAL C 100 22.99 12.05 6.99
C VAL C 100 23.42 13.50 7.19
N ASP C 101 24.61 13.71 7.74
CA ASP C 101 25.09 15.07 8.01
C ASP C 101 25.21 15.95 6.77
N GLN C 102 25.72 15.40 5.66
CA GLN C 102 25.87 16.22 4.46
C GLN C 102 24.51 16.52 3.83
N GLU C 103 23.60 15.54 3.85
CA GLU C 103 22.23 15.80 3.41
C GLU C 103 21.60 16.87 4.29
N ASP C 104 21.78 16.75 5.60
CA ASP C 104 21.29 17.78 6.53
C ASP C 104 21.95 19.12 6.24
N ALA C 105 23.25 19.11 5.93
CA ALA C 105 23.97 20.36 5.68
C ALA C 105 23.53 21.03 4.40
N ASP C 106 23.06 20.25 3.42
CA ASP C 106 22.58 20.80 2.16
C ASP C 106 21.14 21.32 2.24
N GLY C 107 20.46 21.17 3.38
CA GLY C 107 19.17 21.83 3.62
C GLY C 107 17.99 20.99 3.20
N ARG C 108 18.04 19.68 3.47
CA ARG C 108 16.97 18.77 2.96
C ARG C 108 16.01 18.29 4.07
N PHE C 109 16.26 18.65 5.32
CA PHE C 109 15.37 18.22 6.41
C PHE C 109 14.84 19.46 7.09
N ALA C 110 13.51 19.59 7.15
CA ALA C 110 12.90 20.78 7.75
C ALA C 110 13.07 20.76 9.26
N THR C 111 12.59 19.71 9.89
CA THR C 111 12.69 19.46 11.32
C THR C 111 13.76 18.41 11.59
N PRO C 112 14.37 18.42 12.78
CA PRO C 112 15.22 17.28 13.17
C PRO C 112 14.53 15.94 13.05
N GLU C 113 13.20 15.92 13.20
CA GLU C 113 12.45 14.68 13.06
C GLU C 113 12.61 14.09 11.66
N ALA C 114 12.65 14.95 10.63
CA ALA C 114 12.78 14.45 9.26
C ALA C 114 14.14 13.78 9.06
N LYS C 115 15.19 14.33 9.67
CA LYS C 115 16.51 13.71 9.59
C LYS C 115 16.52 12.35 10.27
N ALA C 116 16.00 12.29 11.51
CA ALA C 116 15.91 11.02 12.22
C ALA C 116 15.14 9.98 11.42
N ALA C 117 14.06 10.40 10.75
CA ALA C 117 13.33 9.50 9.87
C ALA C 117 14.23 8.99 8.75
N ASN C 118 14.92 9.91 8.06
CA ASN C 118 15.84 9.51 7.00
C ASN C 118 16.92 8.57 7.52
N ASP C 119 17.42 8.82 8.72
CA ASP C 119 18.50 7.99 9.27
C ASP C 119 18.04 6.55 9.49
N LYS C 120 16.78 6.35 9.86
CA LYS C 120 16.31 4.99 10.11
C LYS C 120 15.78 4.35 8.84
N GLY C 121 15.19 5.14 7.94
CA GLY C 121 14.95 4.65 6.59
C GLY C 121 16.17 4.09 5.91
N ARG C 122 17.34 4.66 6.19
CA ARG C 122 18.57 4.12 5.64
C ARG C 122 19.01 2.85 6.36
N LYS C 123 18.96 2.85 7.70
CA LYS C 123 19.38 1.70 8.48
C LYS C 123 18.39 0.55 8.42
N PHE C 124 17.22 0.75 7.82
CA PHE C 124 16.29 -0.35 7.58
C PHE C 124 16.79 -1.27 6.47
N PHE C 125 16.99 -0.72 5.26
CA PHE C 125 17.47 -1.51 4.14
C PHE C 125 18.93 -1.94 4.35
N ALA C 126 19.75 -1.08 4.93
CA ALA C 126 21.15 -1.44 5.14
C ALA C 126 21.28 -2.70 6.00
N ASP C 127 20.64 -2.70 7.17
CA ASP C 127 20.67 -3.87 8.03
C ASP C 127 20.06 -5.09 7.33
N MET C 128 19.10 -4.87 6.44
CA MET C 128 18.50 -5.97 5.70
C MET C 128 19.55 -6.76 4.93
N HIS C 129 20.53 -6.06 4.35
CA HIS C 129 21.62 -6.70 3.61
C HIS C 129 22.81 -6.99 4.50
N ARG C 130 22.98 -6.21 5.56
CA ARG C 130 24.16 -6.23 6.42
C ARG C 130 24.02 -7.17 7.61
N LYS C 131 22.81 -7.64 7.92
CA LYS C 131 22.61 -8.58 9.01
C LYS C 131 21.83 -9.81 8.55
N ASP C 132 20.74 -9.59 7.79
CA ASP C 132 19.84 -10.68 7.42
C ASP C 132 20.32 -11.45 6.19
N LEU C 133 20.55 -10.74 5.08
CA LEU C 133 20.91 -11.39 3.83
C LEU C 133 22.40 -11.71 3.73
N HIS C 134 23.25 -10.88 4.32
CA HIS C 134 24.71 -11.04 4.25
C HIS C 134 25.22 -10.89 2.81
N ASP C 135 24.62 -9.97 2.07
CA ASP C 135 25.12 -9.58 0.75
C ASP C 135 25.51 -8.11 0.82
N ASP C 136 26.16 -7.74 1.92
CA ASP C 136 26.56 -6.36 2.17
C ASP C 136 27.49 -5.83 1.10
N ALA C 137 28.50 -6.60 0.70
CA ALA C 137 29.42 -6.18 -0.34
C ALA C 137 28.71 -6.03 -1.69
N GLU C 138 27.97 -7.06 -2.10
CA GLU C 138 27.39 -7.05 -3.44
C GLU C 138 26.29 -6.00 -3.60
N TRP C 139 25.46 -5.80 -2.57
CA TRP C 139 24.42 -4.78 -2.64
C TRP C 139 25.01 -3.43 -3.06
N MET C 140 26.11 -3.04 -2.43
CA MET C 140 26.79 -1.82 -2.78
C MET C 140 27.55 -1.93 -4.09
N ALA C 141 28.04 -3.13 -4.41
CA ALA C 141 28.74 -3.34 -5.68
C ALA C 141 27.83 -3.01 -6.86
N LYS C 142 26.56 -3.43 -6.79
CA LYS C 142 25.63 -3.15 -7.88
C LYS C 142 25.30 -1.66 -7.95
N GLN C 143 25.38 -0.96 -6.81
CA GLN C 143 25.21 0.50 -6.82
C GLN C 143 26.25 1.18 -7.71
N VAL C 144 27.47 0.62 -7.75
CA VAL C 144 28.52 1.26 -8.54
C VAL C 144 28.45 0.84 -9.99
N TYR C 145 27.98 -0.39 -10.27
CA TYR C 145 27.69 -0.76 -11.66
C TYR C 145 26.61 0.12 -12.24
N LEU C 146 25.64 0.54 -11.42
CA LEU C 146 24.66 1.52 -11.85
C LEU C 146 25.34 2.84 -12.21
N ASN C 147 26.28 3.29 -11.37
CA ASN C 147 27.02 4.52 -11.65
C ASN C 147 27.78 4.43 -12.97
N VAL C 148 28.42 3.30 -13.24
CA VAL C 148 29.12 3.10 -14.51
C VAL C 148 28.19 3.41 -15.69
N GLY C 149 27.03 2.75 -15.72
CA GLY C 149 26.10 2.96 -16.83
C GLY C 149 25.71 4.43 -16.97
N ASN C 150 25.38 5.07 -15.85
CA ASN C 150 25.17 6.51 -15.83
C ASN C 150 26.38 7.24 -16.42
N PHE C 151 27.59 6.78 -16.10
CA PHE C 151 28.80 7.42 -16.58
C PHE C 151 29.02 7.17 -18.06
N LEU C 152 28.75 5.94 -18.53
CA LEU C 152 29.09 5.58 -19.91
C LEU C 152 28.26 6.33 -20.93
N LEU C 153 27.00 6.62 -20.61
CA LEU C 153 26.19 7.44 -21.49
C LEU C 153 26.48 8.93 -21.30
N GLY C 154 26.84 9.32 -20.08
CA GLY C 154 27.17 10.72 -19.82
C GLY C 154 28.33 11.21 -20.65
N VAL C 155 29.47 10.50 -20.56
CA VAL C 155 30.64 10.91 -21.33
C VAL C 155 30.37 10.78 -22.82
N ALA C 156 29.58 9.78 -23.22
CA ALA C 156 29.18 9.65 -24.61
C ALA C 156 28.50 10.93 -25.12
N ALA C 157 27.51 11.42 -24.38
CA ALA C 157 26.80 12.62 -24.80
C ALA C 157 27.71 13.85 -24.78
N LEU C 158 28.72 13.87 -23.91
CA LEU C 158 29.68 14.95 -23.89
C LEU C 158 30.69 14.87 -25.04
N GLY C 159 30.49 13.97 -25.99
CA GLY C 159 31.39 13.86 -27.12
C GLY C 159 32.66 13.09 -26.86
N LEU C 160 32.66 12.19 -25.88
CA LEU C 160 33.84 11.44 -25.48
C LEU C 160 33.74 9.98 -25.90
N ASP C 161 34.91 9.39 -26.17
CA ASP C 161 35.03 7.97 -26.44
C ASP C 161 35.34 7.24 -25.14
N ALA C 162 34.80 6.03 -25.01
CA ALA C 162 34.96 5.29 -23.76
C ALA C 162 34.83 3.80 -23.98
N VAL C 163 35.27 3.04 -23.00
CA VAL C 163 35.07 1.59 -22.96
C VAL C 163 35.01 1.13 -21.51
N PRO C 164 34.01 0.33 -21.12
CA PRO C 164 34.07 -0.34 -19.83
C PRO C 164 34.95 -1.59 -19.92
N ILE C 165 35.66 -1.88 -18.85
CA ILE C 165 36.57 -3.02 -18.82
C ILE C 165 36.31 -3.86 -17.57
N GLU C 166 36.14 -5.16 -17.78
CA GLU C 166 36.09 -6.14 -16.72
C GLU C 166 37.36 -6.98 -16.66
N GLY C 167 38.11 -7.05 -17.76
CA GLY C 167 39.31 -7.85 -17.87
C GLY C 167 40.55 -7.22 -17.27
N PHE C 168 40.63 -7.19 -15.95
CA PHE C 168 41.81 -6.71 -15.25
C PHE C 168 41.91 -7.45 -13.92
N ASP C 169 43.11 -7.47 -13.36
CA ASP C 169 43.39 -8.22 -12.14
C ASP C 169 43.04 -7.34 -10.94
N ALA C 170 41.87 -7.60 -10.36
CA ALA C 170 41.44 -6.85 -9.18
C ALA C 170 42.46 -6.96 -8.04
N ALA C 171 43.07 -8.13 -7.88
CA ALA C 171 44.02 -8.33 -6.79
C ALA C 171 45.21 -7.39 -6.92
N ILE C 172 45.68 -7.16 -8.14
CA ILE C 172 46.85 -6.30 -8.35
C ILE C 172 46.51 -4.85 -8.06
N LEU C 173 45.44 -4.34 -8.68
CA LEU C 173 45.07 -2.94 -8.51
C LEU C 173 44.75 -2.59 -7.07
N ASP C 174 44.21 -3.54 -6.30
CA ASP C 174 43.93 -3.29 -4.89
C ASP C 174 45.23 -3.10 -4.11
N ALA C 175 46.23 -3.94 -4.38
CA ALA C 175 47.52 -3.79 -3.72
C ALA C 175 48.25 -2.54 -4.20
N GLU C 176 48.14 -2.21 -5.48
CA GLU C 176 48.89 -1.10 -6.04
C GLU C 176 48.55 0.22 -5.34
N PHE C 177 47.26 0.46 -5.07
CA PHE C 177 46.83 1.66 -4.37
C PHE C 177 46.32 1.37 -2.97
N GLY C 178 46.55 0.17 -2.44
CA GLY C 178 46.23 -0.15 -1.07
C GLY C 178 44.79 0.10 -0.68
N LEU C 179 43.86 -0.42 -1.48
CA LEU C 179 42.44 -0.20 -1.23
C LEU C 179 41.87 -1.18 -0.21
N LYS C 180 42.61 -2.24 0.14
CA LYS C 180 42.16 -3.15 1.19
C LYS C 180 42.15 -2.47 2.55
N GLU C 181 43.21 -1.72 2.86
CA GLU C 181 43.29 -1.05 4.16
C GLU C 181 42.34 0.14 4.26
N LYS C 182 42.20 0.93 3.19
CA LYS C 182 41.22 2.01 3.21
C LYS C 182 39.79 1.50 3.25
N GLY C 183 39.54 0.33 2.68
CA GLY C 183 38.21 -0.25 2.66
C GLY C 183 37.52 -0.17 1.32
N TYR C 184 38.18 -0.61 0.26
CA TYR C 184 37.60 -0.59 -1.08
C TYR C 184 38.15 -1.76 -1.88
N THR C 185 37.48 -2.04 -3.00
CA THR C 185 37.85 -3.11 -3.91
C THR C 185 37.49 -2.69 -5.34
N SER C 186 38.45 -2.78 -6.25
CA SER C 186 38.24 -2.46 -7.65
C SER C 186 37.25 -3.40 -8.32
N LEU C 187 36.36 -2.83 -9.14
CA LEU C 187 35.39 -3.61 -9.90
C LEU C 187 35.41 -3.30 -11.40
N VAL C 188 35.35 -2.02 -11.77
CA VAL C 188 35.32 -1.62 -13.17
C VAL C 188 36.32 -0.50 -13.39
N VAL C 189 37.04 -0.59 -14.51
CA VAL C 189 38.02 0.40 -14.93
C VAL C 189 37.57 0.97 -16.27
N VAL C 190 37.28 2.27 -16.31
CA VAL C 190 36.81 2.90 -17.54
C VAL C 190 37.79 3.96 -18.03
N PRO C 191 38.52 3.71 -19.12
CA PRO C 191 39.19 4.82 -19.81
C PRO C 191 38.17 5.64 -20.59
N VAL C 192 38.47 6.93 -20.76
CA VAL C 192 37.65 7.83 -21.59
C VAL C 192 38.57 8.85 -22.24
N GLY C 193 38.29 9.15 -23.52
CA GLY C 193 39.11 10.06 -24.29
C GLY C 193 38.59 10.33 -25.69
N HIS C 194 39.36 9.94 -26.71
CA HIS C 194 38.94 10.05 -28.10
C HIS C 194 39.61 8.92 -28.88
N HIS C 195 38.83 8.28 -29.75
CA HIS C 195 39.23 7.04 -30.43
C HIS C 195 40.20 7.27 -31.59
N SER C 196 41.02 6.25 -31.84
CA SER C 196 41.94 6.16 -32.97
C SER C 196 41.27 5.62 -34.21
N VAL C 197 41.95 5.78 -35.36
CA VAL C 197 41.60 5.03 -36.54
C VAL C 197 41.85 3.54 -36.34
N GLU C 198 42.60 3.18 -35.29
CA GLU C 198 42.86 1.79 -34.93
C GLU C 198 41.70 1.13 -34.20
N ASP C 199 40.60 1.85 -33.99
CA ASP C 199 39.42 1.33 -33.30
C ASP C 199 38.49 0.72 -34.34
N PHE C 200 38.53 -0.61 -34.47
CA PHE C 200 37.70 -1.26 -35.49
C PHE C 200 36.24 -1.36 -35.07
N ASN C 201 35.94 -1.11 -33.81
CA ASN C 201 34.56 -1.20 -33.34
C ASN C 201 33.78 0.06 -33.67
N ALA C 202 34.48 1.15 -33.98
CA ALA C 202 33.80 2.40 -34.29
C ALA C 202 32.96 2.31 -35.57
N THR C 203 33.34 1.46 -36.51
CA THR C 203 32.62 1.33 -37.77
C THR C 203 31.62 0.16 -37.77
N LEU C 204 31.81 -0.84 -36.89
CA LEU C 204 31.02 -2.06 -36.98
C LEU C 204 29.62 -1.80 -36.41
N PRO C 205 28.60 -2.44 -36.98
CA PRO C 205 27.22 -2.15 -36.56
C PRO C 205 26.90 -2.69 -35.17
N LYS C 206 26.20 -1.87 -34.39
CA LYS C 206 25.78 -2.28 -33.06
C LYS C 206 24.82 -3.46 -33.16
N SER C 207 24.99 -4.45 -32.28
CA SER C 207 24.18 -5.65 -32.28
C SER C 207 23.57 -5.91 -30.93
N ARG C 208 22.25 -6.17 -30.91
CA ARG C 208 21.59 -6.63 -29.70
C ARG C 208 20.59 -7.71 -30.03
N LEU C 209 20.12 -8.39 -28.99
CA LEU C 209 19.06 -9.37 -29.15
C LEU C 209 17.72 -8.66 -29.24
N PRO C 210 16.80 -9.20 -30.04
CA PRO C 210 15.55 -8.49 -30.33
C PRO C 210 14.60 -8.44 -29.15
N GLN C 211 13.80 -7.38 -29.13
CA GLN C 211 12.85 -7.15 -28.04
C GLN C 211 11.91 -8.33 -27.82
N ASN C 212 11.65 -9.15 -28.86
CA ASN C 212 10.73 -10.29 -28.74
C ASN C 212 11.10 -11.23 -27.59
N ILE C 213 12.40 -11.43 -27.39
CA ILE C 213 12.89 -12.36 -26.37
C ILE C 213 13.06 -11.67 -25.04
N THR C 214 13.51 -10.42 -25.06
CA THR C 214 13.97 -9.72 -23.88
C THR C 214 12.91 -8.82 -23.25
N LEU C 215 11.82 -8.50 -23.96
CA LEU C 215 10.86 -7.52 -23.47
C LEU C 215 9.45 -8.06 -23.55
N THR C 216 8.66 -7.81 -22.51
CA THR C 216 7.26 -8.21 -22.45
C THR C 216 6.42 -7.05 -21.93
N GLU C 217 5.38 -6.67 -22.69
CA GLU C 217 4.46 -5.61 -22.30
C GLU C 217 3.15 -6.20 -21.78
N VAL C 218 2.66 -5.66 -20.66
CA VAL C 218 1.40 -6.13 -20.08
C VAL C 218 0.44 -4.99 -19.73
N ASP D 3 22.41 20.46 -22.40
CA ASP D 3 23.61 20.05 -21.69
C ASP D 3 23.30 18.91 -20.72
N ILE D 4 23.98 17.78 -20.92
CA ILE D 4 23.71 16.60 -20.10
C ILE D 4 24.14 16.79 -18.64
N ILE D 5 25.09 17.68 -18.38
CA ILE D 5 25.58 17.85 -17.01
C ILE D 5 24.49 18.38 -16.10
N SER D 6 23.81 19.45 -16.53
CA SER D 6 22.74 20.01 -15.71
C SER D 6 21.52 19.10 -15.61
N VAL D 7 21.23 18.32 -16.66
CA VAL D 7 20.18 17.31 -16.52
C VAL D 7 20.59 16.30 -15.46
N ALA D 8 21.87 15.90 -15.46
CA ALA D 8 22.37 15.05 -14.40
C ALA D 8 22.31 15.75 -13.06
N LEU D 9 22.28 17.09 -13.06
CA LEU D 9 22.23 17.89 -11.85
C LEU D 9 20.82 18.29 -11.43
N LYS D 10 19.83 18.13 -12.31
CA LYS D 10 18.45 18.43 -11.93
C LYS D 10 17.51 17.24 -12.02
N ARG D 11 17.90 16.17 -12.73
CA ARG D 11 17.15 14.92 -12.62
C ARG D 11 17.02 14.50 -11.16
N HIS D 12 15.88 13.94 -10.81
CA HIS D 12 15.60 13.62 -9.42
C HIS D 12 14.70 12.40 -9.33
N SER D 13 14.71 11.77 -8.15
CA SER D 13 13.81 10.67 -7.82
C SER D 13 12.41 11.21 -7.58
N THR D 14 11.51 11.01 -8.52
CA THR D 14 10.14 11.47 -8.37
C THR D 14 9.39 10.59 -7.37
N LYS D 15 8.74 11.23 -6.39
CA LYS D 15 8.02 10.46 -5.33
C LYS D 15 6.52 10.37 -5.60
N ALA D 16 5.98 11.22 -6.49
CA ALA D 16 4.55 11.21 -6.77
C ALA D 16 4.36 11.57 -8.23
N PHE D 17 3.59 10.76 -8.94
CA PHE D 17 3.35 10.95 -10.36
C PHE D 17 1.96 11.51 -10.58
N ASP D 18 1.79 12.22 -11.70
CA ASP D 18 0.48 12.65 -12.13
C ASP D 18 -0.08 11.56 -13.03
N ALA D 19 -1.19 10.95 -12.59
CA ALA D 19 -1.70 9.79 -13.30
C ALA D 19 -2.20 10.14 -14.70
N SER D 20 -2.64 11.37 -14.89
CA SER D 20 -3.27 11.74 -16.16
C SER D 20 -2.28 11.78 -17.32
N LYS D 21 -1.17 12.47 -17.16
CA LYS D 21 -0.34 12.77 -18.32
C LYS D 21 0.54 11.58 -18.66
N LYS D 22 0.17 10.90 -19.73
CA LYS D 22 0.71 9.62 -20.20
C LYS D 22 1.81 9.83 -21.25
N LEU D 23 2.65 8.82 -21.40
CA LEU D 23 3.69 8.89 -22.41
C LEU D 23 3.08 8.78 -23.81
N THR D 24 3.44 9.72 -24.67
CA THR D 24 3.07 9.67 -26.08
C THR D 24 3.65 8.41 -26.73
N PRO D 25 2.99 7.87 -27.77
CA PRO D 25 3.46 6.65 -28.44
C PRO D 25 4.91 6.64 -28.90
N GLU D 26 5.50 7.82 -29.17
CA GLU D 26 6.89 7.85 -29.58
C GLU D 26 7.85 7.71 -28.40
N GLN D 27 7.57 8.41 -27.31
CA GLN D 27 8.39 8.19 -26.12
C GLN D 27 8.30 6.75 -25.67
N ALA D 28 7.12 6.13 -25.88
CA ALA D 28 6.86 4.74 -25.54
C ALA D 28 7.45 3.73 -26.52
N GLU D 29 8.08 4.14 -27.61
CA GLU D 29 9.04 3.27 -28.30
C GLU D 29 10.49 3.66 -28.01
N GLN D 30 10.71 4.87 -27.50
CA GLN D 30 12.02 5.23 -27.04
C GLN D 30 12.28 4.58 -25.68
N ILE D 31 11.22 4.19 -24.98
CA ILE D 31 11.36 3.52 -23.65
C ILE D 31 11.73 2.05 -23.87
N LYS D 32 11.89 1.65 -25.13
CA LYS D 32 12.23 0.29 -25.52
C LYS D 32 13.68 0.14 -25.98
N THR D 33 14.18 1.07 -26.80
CA THR D 33 15.52 0.93 -27.34
C THR D 33 16.59 1.23 -26.28
N LEU D 34 16.30 2.19 -25.37
CA LEU D 34 17.22 2.43 -24.27
C LEU D 34 17.37 1.19 -23.39
N LEU D 35 16.29 0.42 -23.21
CA LEU D 35 16.41 -0.83 -22.46
C LEU D 35 17.20 -1.85 -23.25
N GLN D 36 17.04 -1.83 -24.58
CA GLN D 36 17.75 -2.78 -25.42
C GLN D 36 19.19 -2.33 -25.64
N TYR D 37 19.38 -1.09 -26.10
CA TYR D 37 20.71 -0.62 -26.51
C TYR D 37 21.52 -0.03 -25.36
N SER D 38 21.60 -0.77 -24.25
CA SER D 38 22.54 -0.51 -23.18
C SER D 38 23.64 -1.56 -23.19
N PRO D 39 24.87 -1.20 -22.84
CA PRO D 39 25.97 -2.17 -22.92
C PRO D 39 25.90 -3.27 -21.86
N SER D 40 26.69 -4.30 -22.13
CA SER D 40 26.73 -5.53 -21.36
C SER D 40 28.13 -6.12 -21.49
N SER D 41 28.63 -6.67 -20.38
CA SER D 41 29.93 -7.32 -20.43
C SER D 41 29.85 -8.49 -21.39
N THR D 42 30.71 -8.46 -22.42
CA THR D 42 30.69 -9.41 -23.53
C THR D 42 29.35 -9.41 -24.26
N ASN D 43 28.59 -8.31 -24.12
CA ASN D 43 27.26 -8.18 -24.72
C ASN D 43 26.38 -9.38 -24.40
N SER D 44 26.59 -9.96 -23.21
CA SER D 44 25.83 -11.12 -22.78
C SER D 44 24.33 -10.83 -22.75
N GLN D 45 23.96 -9.65 -22.24
CA GLN D 45 22.59 -9.21 -22.09
C GLN D 45 21.74 -10.16 -21.26
N PRO D 46 22.13 -10.46 -20.02
CA PRO D 46 21.46 -11.49 -19.22
C PRO D 46 20.20 -10.97 -18.52
N TRP D 47 19.36 -10.27 -19.27
CA TRP D 47 18.23 -9.55 -18.68
C TRP D 47 16.95 -9.84 -19.44
N HIS D 48 15.85 -9.45 -18.81
CA HIS D 48 14.53 -9.37 -19.44
C HIS D 48 13.77 -8.22 -18.78
N PHE D 49 12.99 -7.49 -19.58
CA PHE D 49 12.29 -6.32 -19.12
C PHE D 49 10.78 -6.56 -19.23
N ILE D 50 10.06 -6.20 -18.17
CA ILE D 50 8.60 -6.18 -18.17
C ILE D 50 8.20 -4.71 -18.14
N VAL D 51 7.75 -4.19 -19.28
CA VAL D 51 7.26 -2.82 -19.36
C VAL D 51 5.75 -2.86 -19.26
N ALA D 52 5.22 -2.42 -18.12
CA ALA D 52 3.78 -2.44 -17.83
C ALA D 52 3.19 -1.04 -17.93
N SER D 53 2.31 -0.84 -18.93
CA SER D 53 1.65 0.44 -19.16
C SER D 53 0.14 0.41 -18.96
N THR D 54 -0.46 -0.74 -18.67
CA THR D 54 -1.92 -0.82 -18.62
C THR D 54 -2.43 -0.83 -17.19
N GLU D 55 -3.71 -0.48 -17.04
CA GLU D 55 -4.33 -0.32 -15.72
C GLU D 55 -4.26 -1.58 -14.88
N GLU D 56 -4.38 -2.74 -15.52
CA GLU D 56 -4.33 -4.02 -14.82
C GLU D 56 -2.90 -4.52 -14.68
N GLY D 57 -2.05 -4.25 -15.67
CA GLY D 57 -0.65 -4.61 -15.55
C GLY D 57 0.05 -3.82 -14.46
N LYS D 58 -0.24 -2.52 -14.35
CA LYS D 58 0.33 -1.73 -13.26
C LYS D 58 -0.17 -2.20 -11.91
N ALA D 59 -1.42 -2.68 -11.85
CA ALA D 59 -1.95 -3.22 -10.61
C ALA D 59 -1.25 -4.52 -10.24
N ARG D 60 -0.98 -5.37 -11.23
CA ARG D 60 -0.33 -6.65 -10.97
C ARG D 60 1.08 -6.45 -10.43
N VAL D 61 1.78 -5.43 -10.93
CA VAL D 61 3.10 -5.12 -10.39
C VAL D 61 2.97 -4.64 -8.95
N ALA D 62 1.96 -3.80 -8.67
CA ALA D 62 1.75 -3.25 -7.34
C ALA D 62 1.60 -4.33 -6.28
N LYS D 63 1.49 -5.60 -6.68
CA LYS D 63 1.66 -6.71 -5.74
C LYS D 63 3.00 -6.60 -5.04
N SER D 64 3.98 -5.97 -5.71
CA SER D 64 5.31 -5.69 -5.19
C SER D 64 5.27 -5.00 -3.84
N ALA D 65 4.73 -3.77 -3.85
CA ALA D 65 4.57 -2.91 -2.65
C ALA D 65 3.98 -3.68 -1.46
N ALA D 66 3.40 -4.86 -1.71
CA ALA D 66 2.83 -5.70 -0.63
C ALA D 66 3.85 -5.87 0.50
N GLY D 67 3.42 -5.68 1.75
CA GLY D 67 4.34 -5.75 2.90
C GLY D 67 4.57 -4.37 3.52
N ASN D 68 5.80 -4.09 3.95
CA ASN D 68 6.14 -2.76 4.54
C ASN D 68 6.82 -1.89 3.47
N TYR D 69 6.29 -1.94 2.24
CA TYR D 69 6.81 -1.17 1.08
C TYR D 69 5.63 -0.40 0.48
N VAL D 70 4.53 -0.32 1.23
CA VAL D 70 3.32 0.33 0.78
C VAL D 70 3.56 1.75 0.32
N PHE D 71 4.59 2.41 0.86
CA PHE D 71 4.89 3.79 0.50
C PHE D 71 5.28 3.94 -0.97
N ASN D 72 5.66 2.86 -1.65
CA ASN D 72 6.02 2.88 -3.06
C ASN D 72 4.88 2.48 -3.98
N GLU D 73 3.69 2.21 -3.43
CA GLU D 73 2.65 1.59 -4.25
C GLU D 73 1.98 2.57 -5.18
N ARG D 74 1.76 3.81 -4.73
CA ARG D 74 1.19 4.81 -5.62
C ARG D 74 2.13 5.13 -6.77
N LYS D 75 3.44 5.01 -6.55
CA LYS D 75 4.40 5.25 -7.63
C LYS D 75 4.24 4.23 -8.75
N MET D 76 3.99 2.96 -8.38
CA MET D 76 3.82 1.92 -9.39
C MET D 76 2.50 2.06 -10.14
N LEU D 77 1.51 2.73 -9.54
CA LEU D 77 0.19 2.87 -10.13
C LEU D 77 0.00 4.16 -10.92
N ASP D 78 0.48 5.29 -10.40
CA ASP D 78 0.15 6.56 -11.05
C ASP D 78 1.01 6.83 -12.28
N ALA D 79 2.25 6.37 -12.27
CA ALA D 79 3.09 6.53 -13.46
C ALA D 79 2.47 5.76 -14.62
N SER D 80 2.80 6.18 -15.84
CA SER D 80 2.17 5.59 -17.01
C SER D 80 2.88 4.30 -17.41
N HIS D 81 4.20 4.32 -17.46
CA HIS D 81 4.98 3.15 -17.87
C HIS D 81 5.93 2.78 -16.75
N VAL D 82 5.77 1.56 -16.22
CA VAL D 82 6.57 1.04 -15.12
C VAL D 82 7.40 -0.11 -15.67
N VAL D 83 8.72 0.01 -15.55
CA VAL D 83 9.65 -1.01 -16.04
C VAL D 83 10.09 -1.88 -14.89
N VAL D 84 10.15 -3.20 -15.13
CA VAL D 84 10.64 -4.17 -14.16
C VAL D 84 11.93 -4.77 -14.70
N PHE D 85 13.04 -4.47 -14.03
CA PHE D 85 14.34 -5.02 -14.40
C PHE D 85 14.51 -6.41 -13.80
N CYS D 86 14.85 -7.39 -14.64
CA CYS D 86 15.08 -8.76 -14.20
C CYS D 86 16.43 -9.27 -14.68
N ALA D 87 16.96 -10.25 -13.95
CA ALA D 87 18.22 -10.91 -14.29
C ALA D 87 18.01 -12.42 -14.39
N LYS D 88 18.82 -13.05 -15.24
CA LYS D 88 18.74 -14.50 -15.43
C LYS D 88 19.11 -15.28 -14.18
N THR D 89 18.49 -16.46 -14.04
CA THR D 89 18.85 -17.39 -12.97
C THR D 89 20.27 -17.89 -13.13
N ALA D 90 20.59 -18.42 -14.30
CA ALA D 90 21.87 -19.06 -14.57
C ALA D 90 22.26 -18.79 -16.02
N MET D 91 23.55 -18.88 -16.29
CA MET D 91 24.06 -18.55 -17.62
C MET D 91 24.10 -19.85 -18.42
N ASP D 92 23.07 -20.07 -19.23
CA ASP D 92 22.97 -21.27 -20.05
C ASP D 92 23.84 -21.16 -21.29
N ASP D 93 24.14 -22.32 -21.87
CA ASP D 93 24.92 -22.38 -23.10
C ASP D 93 24.12 -21.86 -24.30
N VAL D 94 22.80 -21.97 -24.27
CA VAL D 94 22.00 -21.60 -25.44
C VAL D 94 21.90 -20.08 -25.59
N TRP D 95 21.94 -19.32 -24.50
CA TRP D 95 21.97 -17.86 -24.61
C TRP D 95 23.29 -17.41 -25.24
N LEU D 96 24.38 -18.11 -24.94
CA LEU D 96 25.65 -17.79 -25.59
C LEU D 96 25.63 -18.22 -27.05
N LYS D 97 24.78 -19.19 -27.41
CA LYS D 97 24.50 -19.43 -28.82
C LYS D 97 23.69 -18.28 -29.43
N LEU D 98 22.72 -17.76 -28.68
CA LEU D 98 21.81 -16.76 -29.22
C LEU D 98 22.48 -15.41 -29.45
N VAL D 99 23.33 -14.97 -28.52
CA VAL D 99 24.00 -13.69 -28.68
C VAL D 99 24.94 -13.72 -29.87
N VAL D 100 25.78 -14.76 -29.96
CA VAL D 100 26.78 -14.81 -31.02
C VAL D 100 26.11 -14.92 -32.38
N ASP D 101 25.05 -15.74 -32.49
CA ASP D 101 24.32 -15.85 -33.75
C ASP D 101 23.75 -14.51 -34.20
N GLN D 102 23.20 -13.73 -33.27
CA GLN D 102 22.62 -12.43 -33.64
C GLN D 102 23.70 -11.43 -34.01
N GLU D 103 24.83 -11.42 -33.28
CA GLU D 103 25.94 -10.57 -33.68
C GLU D 103 26.45 -10.97 -35.05
N ASP D 104 26.60 -12.28 -35.29
CA ASP D 104 26.99 -12.75 -36.61
C ASP D 104 26.00 -12.32 -37.68
N ALA D 105 24.70 -12.38 -37.37
CA ALA D 105 23.69 -12.02 -38.35
C ALA D 105 23.69 -10.53 -38.66
N ASP D 106 24.15 -9.71 -37.71
CA ASP D 106 24.21 -8.27 -37.92
C ASP D 106 25.46 -7.83 -38.67
N GLY D 107 26.37 -8.75 -38.95
CA GLY D 107 27.52 -8.45 -39.79
C GLY D 107 28.71 -7.98 -38.98
N ARG D 108 28.92 -8.59 -37.81
CA ARG D 108 30.02 -8.16 -36.95
C ARG D 108 31.33 -8.88 -37.28
N PHE D 109 31.25 -10.05 -37.90
CA PHE D 109 32.41 -10.91 -38.13
C PHE D 109 32.61 -11.09 -39.62
N ALA D 110 33.83 -10.80 -40.09
CA ALA D 110 34.12 -10.98 -41.51
C ALA D 110 34.19 -12.46 -41.87
N THR D 111 35.08 -13.21 -41.19
CA THR D 111 35.29 -14.64 -41.38
C THR D 111 34.59 -15.43 -40.28
N PRO D 112 34.16 -16.67 -40.56
CA PRO D 112 33.67 -17.53 -39.46
C PRO D 112 34.67 -17.72 -38.34
N GLU D 113 35.98 -17.68 -38.63
CA GLU D 113 36.97 -17.82 -37.58
C GLU D 113 36.84 -16.72 -36.53
N ALA D 114 36.48 -15.51 -36.98
CA ALA D 114 36.31 -14.40 -36.04
C ALA D 114 35.15 -14.64 -35.10
N LYS D 115 34.07 -15.26 -35.60
CA LYS D 115 32.92 -15.55 -34.75
C LYS D 115 33.28 -16.56 -33.66
N ALA D 116 33.89 -17.69 -34.05
CA ALA D 116 34.28 -18.70 -33.07
C ALA D 116 35.17 -18.10 -31.99
N ALA D 117 36.12 -17.24 -32.38
CA ALA D 117 36.96 -16.55 -31.41
C ALA D 117 36.12 -15.73 -30.44
N ASN D 118 35.19 -14.93 -30.97
CA ASN D 118 34.32 -14.12 -30.12
C ASN D 118 33.55 -14.98 -29.12
N ASP D 119 33.00 -16.11 -29.57
CA ASP D 119 32.27 -17.00 -28.67
C ASP D 119 33.16 -17.58 -27.60
N LYS D 120 34.45 -17.70 -27.97
CA LYS D 120 35.53 -18.27 -27.12
C LYS D 120 35.75 -17.31 -25.95
N GLY D 121 36.26 -16.10 -26.22
CA GLY D 121 36.35 -15.09 -25.20
C GLY D 121 35.06 -14.97 -24.42
N ARG D 122 33.95 -15.31 -25.07
CA ARG D 122 32.62 -15.23 -24.45
C ARG D 122 32.47 -16.24 -23.31
N LYS D 123 32.75 -17.50 -23.58
CA LYS D 123 32.66 -18.49 -22.50
C LYS D 123 33.88 -18.48 -21.60
N PHE D 124 34.90 -17.70 -21.91
CA PHE D 124 36.00 -17.51 -20.97
C PHE D 124 35.54 -16.72 -19.76
N PHE D 125 34.99 -15.53 -19.98
CA PHE D 125 34.46 -14.74 -18.88
C PHE D 125 33.28 -15.44 -18.22
N ALA D 126 32.41 -16.04 -19.01
CA ALA D 126 31.23 -16.74 -18.48
C ALA D 126 31.63 -17.90 -17.59
N ASP D 127 32.41 -18.85 -18.12
CA ASP D 127 32.84 -20.01 -17.33
C ASP D 127 33.66 -19.60 -16.11
N MET D 128 34.42 -18.50 -16.20
CA MET D 128 35.18 -18.02 -15.05
C MET D 128 34.26 -17.76 -13.87
N HIS D 129 33.06 -17.25 -14.13
CA HIS D 129 32.13 -16.87 -13.07
C HIS D 129 31.21 -18.02 -12.66
N ARG D 130 30.96 -18.98 -13.54
CA ARG D 130 29.97 -20.02 -13.24
C ARG D 130 30.57 -21.26 -12.58
N LYS D 131 31.89 -21.40 -12.56
CA LYS D 131 32.41 -22.60 -11.91
C LYS D 131 33.45 -22.31 -10.83
N ASP D 132 34.44 -21.47 -11.11
CA ASP D 132 35.50 -21.23 -10.16
C ASP D 132 35.12 -20.13 -9.15
N LEU D 133 34.67 -18.96 -9.63
CA LEU D 133 34.26 -17.86 -8.75
C LEU D 133 32.83 -18.05 -8.21
N HIS D 134 31.96 -18.71 -8.96
CA HIS D 134 30.57 -18.96 -8.58
C HIS D 134 29.81 -17.68 -8.25
N ASP D 135 30.07 -16.62 -9.00
CA ASP D 135 29.25 -15.43 -8.83
C ASP D 135 28.57 -15.07 -10.15
N ASP D 136 28.19 -16.09 -10.92
CA ASP D 136 27.56 -15.85 -12.22
C ASP D 136 26.22 -15.13 -12.08
N ALA D 137 25.40 -15.51 -11.10
CA ALA D 137 24.11 -14.84 -10.93
C ALA D 137 24.29 -13.35 -10.63
N GLU D 138 25.14 -13.03 -9.66
CA GLU D 138 25.35 -11.63 -9.31
C GLU D 138 26.11 -10.90 -10.42
N TRP D 139 27.06 -11.58 -11.06
CA TRP D 139 27.74 -11.04 -12.22
C TRP D 139 26.73 -10.58 -13.26
N MET D 140 25.72 -11.41 -13.52
CA MET D 140 24.68 -11.04 -14.47
C MET D 140 23.74 -9.99 -13.89
N ALA D 141 23.50 -10.02 -12.57
CA ALA D 141 22.63 -9.03 -11.95
C ALA D 141 23.18 -7.61 -12.10
N LYS D 142 24.48 -7.43 -11.88
CA LYS D 142 25.07 -6.10 -11.97
C LYS D 142 25.09 -5.61 -13.42
N GLN D 143 25.15 -6.53 -14.38
CA GLN D 143 24.96 -6.12 -15.77
C GLN D 143 23.63 -5.42 -15.94
N VAL D 144 22.63 -5.80 -15.15
CA VAL D 144 21.33 -5.19 -15.25
C VAL D 144 21.26 -3.89 -14.46
N TYR D 145 22.00 -3.80 -13.35
CA TYR D 145 22.14 -2.53 -12.66
C TYR D 145 22.87 -1.50 -13.51
N LEU D 146 23.82 -1.96 -14.32
CA LEU D 146 24.45 -1.08 -15.31
C LEU D 146 23.40 -0.55 -16.29
N ASN D 147 22.54 -1.45 -16.78
CA ASN D 147 21.45 -1.04 -17.65
C ASN D 147 20.54 -0.03 -16.94
N VAL D 148 20.25 -0.27 -15.67
CA VAL D 148 19.46 0.68 -14.87
C VAL D 148 20.06 2.08 -14.96
N GLY D 149 21.35 2.21 -14.65
CA GLY D 149 21.97 3.52 -14.60
C GLY D 149 21.89 4.28 -15.92
N ASN D 150 22.21 3.60 -17.03
CA ASN D 150 22.02 4.20 -18.34
C ASN D 150 20.59 4.67 -18.56
N PHE D 151 19.61 3.88 -18.09
CA PHE D 151 18.20 4.20 -18.33
C PHE D 151 17.77 5.45 -17.58
N LEU D 152 18.23 5.60 -16.34
CA LEU D 152 17.77 6.73 -15.52
C LEU D 152 18.23 8.05 -16.10
N LEU D 153 19.37 8.06 -16.80
CA LEU D 153 19.82 9.26 -17.50
C LEU D 153 19.07 9.46 -18.81
N GLY D 154 18.69 8.37 -19.48
CA GLY D 154 17.97 8.46 -20.74
C GLY D 154 16.63 9.15 -20.67
N VAL D 155 15.72 8.65 -19.83
CA VAL D 155 14.39 9.25 -19.72
C VAL D 155 14.49 10.64 -19.11
N ALA D 156 15.43 10.84 -18.17
CA ALA D 156 15.67 12.17 -17.62
C ALA D 156 15.98 13.18 -18.72
N ALA D 157 16.93 12.86 -19.59
CA ALA D 157 17.29 13.78 -20.67
C ALA D 157 16.15 13.98 -21.66
N LEU D 158 15.31 12.96 -21.86
CA LEU D 158 14.15 13.09 -22.72
C LEU D 158 13.00 13.83 -22.05
N GLY D 159 13.23 14.40 -20.87
CA GLY D 159 12.23 15.17 -20.17
C GLY D 159 11.19 14.37 -19.41
N LEU D 160 11.49 13.14 -19.04
CA LEU D 160 10.55 12.31 -18.30
C LEU D 160 11.05 12.13 -16.87
N ASP D 161 10.09 12.03 -15.95
CA ASP D 161 10.40 11.81 -14.54
C ASP D 161 10.39 10.32 -14.22
N ALA D 162 11.26 9.92 -13.29
CA ALA D 162 11.41 8.52 -12.95
C ALA D 162 11.96 8.40 -11.54
N VAL D 163 11.87 7.18 -11.01
CA VAL D 163 12.45 6.85 -9.71
C VAL D 163 12.88 5.38 -9.74
N PRO D 164 14.10 5.05 -9.31
CA PRO D 164 14.44 3.64 -9.06
C PRO D 164 13.89 3.20 -7.71
N ILE D 165 13.52 1.92 -7.61
CA ILE D 165 12.93 1.37 -6.39
C ILE D 165 13.56 0.03 -6.05
N GLU D 166 14.07 -0.10 -4.83
CA GLU D 166 14.31 -1.41 -4.26
C GLU D 166 13.45 -1.72 -3.05
N GLY D 167 12.61 -0.80 -2.61
CA GLY D 167 11.73 -1.18 -1.53
C GLY D 167 10.61 -2.00 -2.14
N PHE D 168 10.87 -3.25 -2.54
CA PHE D 168 9.82 -4.13 -3.04
C PHE D 168 10.17 -5.58 -2.71
N ASP D 169 9.13 -6.41 -2.65
CA ASP D 169 9.27 -7.82 -2.27
C ASP D 169 9.57 -8.63 -3.52
N ALA D 170 10.85 -9.00 -3.69
CA ALA D 170 11.25 -9.79 -4.85
C ALA D 170 10.45 -11.08 -4.97
N ALA D 171 10.12 -11.70 -3.84
CA ALA D 171 9.42 -12.98 -3.88
C ALA D 171 8.05 -12.88 -4.55
N ILE D 172 7.33 -11.79 -4.30
CA ILE D 172 5.98 -11.65 -4.84
C ILE D 172 6.01 -11.43 -6.34
N LEU D 173 6.81 -10.45 -6.80
CA LEU D 173 6.85 -10.14 -8.23
C LEU D 173 7.31 -11.33 -9.06
N ASP D 174 8.14 -12.21 -8.50
CA ASP D 174 8.61 -13.38 -9.24
C ASP D 174 7.48 -14.36 -9.51
N ALA D 175 6.65 -14.64 -8.50
CA ALA D 175 5.56 -15.59 -8.68
C ALA D 175 4.42 -15.04 -9.53
N GLU D 176 4.08 -13.76 -9.36
CA GLU D 176 2.91 -13.20 -10.05
C GLU D 176 3.07 -13.26 -11.56
N PHE D 177 4.26 -12.98 -12.07
CA PHE D 177 4.50 -13.07 -13.51
C PHE D 177 5.32 -14.30 -13.85
N GLY D 178 5.50 -15.19 -12.87
CA GLY D 178 6.03 -16.54 -13.02
C GLY D 178 7.33 -16.74 -13.76
N LEU D 179 8.33 -15.87 -13.55
CA LEU D 179 9.65 -16.00 -14.22
C LEU D 179 10.38 -17.20 -13.62
N LYS D 180 10.98 -17.01 -12.43
CA LYS D 180 11.51 -17.98 -11.47
C LYS D 180 12.02 -19.31 -12.06
N GLU D 181 11.16 -20.04 -12.77
CA GLU D 181 11.52 -21.26 -13.47
C GLU D 181 11.92 -21.00 -14.91
N LYS D 182 11.25 -20.05 -15.58
CA LYS D 182 11.70 -19.64 -16.91
C LYS D 182 13.13 -19.15 -16.84
N GLY D 183 13.56 -18.74 -15.64
CA GLY D 183 14.94 -18.38 -15.40
C GLY D 183 15.27 -16.93 -15.24
N TYR D 184 14.57 -16.21 -14.38
CA TYR D 184 14.85 -14.80 -14.17
C TYR D 184 14.55 -14.41 -12.72
N THR D 185 15.04 -13.23 -12.32
CA THR D 185 14.89 -12.75 -10.95
C THR D 185 14.73 -11.24 -10.92
N SER D 186 13.76 -10.78 -10.13
CA SER D 186 13.52 -9.35 -9.97
C SER D 186 14.73 -8.63 -9.36
N LEU D 187 15.06 -7.46 -9.91
CA LEU D 187 16.13 -6.66 -9.31
C LEU D 187 15.69 -5.23 -9.02
N VAL D 188 15.17 -4.53 -10.03
CA VAL D 188 14.85 -3.11 -9.92
C VAL D 188 13.47 -2.85 -10.54
N VAL D 189 12.70 -1.97 -9.90
CA VAL D 189 11.40 -1.52 -10.42
C VAL D 189 11.51 -0.03 -10.71
N VAL D 190 11.36 0.34 -11.99
CA VAL D 190 11.45 1.75 -12.39
C VAL D 190 10.14 2.23 -12.98
N PRO D 191 9.37 3.04 -12.26
CA PRO D 191 8.28 3.79 -12.91
C PRO D 191 8.84 4.95 -13.74
N VAL D 192 8.06 5.38 -14.73
CA VAL D 192 8.40 6.56 -15.54
C VAL D 192 7.11 7.30 -15.89
N GLY D 193 7.16 8.63 -15.81
CA GLY D 193 6.00 9.47 -16.08
C GLY D 193 6.24 10.96 -16.00
N HIS D 194 5.52 11.63 -15.10
CA HIS D 194 5.67 13.07 -14.88
C HIS D 194 5.26 13.39 -13.45
N HIS D 195 6.02 14.26 -12.79
CA HIS D 195 5.81 14.53 -11.37
C HIS D 195 4.60 15.42 -11.13
N SER D 196 3.87 15.12 -10.06
CA SER D 196 2.74 15.88 -9.54
C SER D 196 3.17 16.95 -8.54
N VAL D 197 2.21 17.81 -8.19
CA VAL D 197 2.38 18.80 -7.12
C VAL D 197 2.65 18.17 -5.75
N GLU D 198 2.37 16.88 -5.60
CA GLU D 198 2.64 16.14 -4.38
C GLU D 198 4.08 15.68 -4.25
N ASP D 199 4.96 16.05 -5.18
CA ASP D 199 6.34 15.57 -5.18
C ASP D 199 7.20 16.45 -4.29
N PHE D 200 7.45 15.98 -3.08
CA PHE D 200 8.27 16.70 -2.11
C PHE D 200 9.76 16.61 -2.44
N ASN D 201 10.16 15.87 -3.48
CA ASN D 201 11.56 15.83 -3.87
C ASN D 201 11.97 16.89 -4.89
N ALA D 202 11.05 17.35 -5.74
CA ALA D 202 11.39 18.28 -6.82
C ALA D 202 11.76 19.67 -6.31
N THR D 203 11.34 19.98 -5.07
CA THR D 203 11.59 21.31 -4.42
C THR D 203 12.97 21.37 -3.75
N LEU D 204 13.17 20.53 -2.72
CA LEU D 204 14.47 20.48 -1.97
C LEU D 204 15.61 20.14 -2.93
N PRO D 205 16.82 20.72 -2.73
CA PRO D 205 17.98 20.48 -3.62
C PRO D 205 18.62 19.09 -3.53
N LYS D 206 19.60 18.85 -4.42
CA LYS D 206 20.35 17.61 -4.53
C LYS D 206 21.53 17.57 -3.56
N SER D 207 21.77 16.40 -2.96
CA SER D 207 22.84 16.19 -2.01
C SER D 207 23.70 14.98 -2.38
N ARG D 208 25.02 15.19 -2.44
CA ARG D 208 25.99 14.11 -2.54
C ARG D 208 27.18 14.45 -1.64
N LEU D 209 28.08 13.46 -1.45
CA LEU D 209 29.31 13.67 -0.71
C LEU D 209 30.33 14.43 -1.57
N PRO D 210 31.13 15.32 -0.96
CA PRO D 210 32.06 16.14 -1.75
C PRO D 210 33.21 15.30 -2.29
N GLN D 211 33.74 15.75 -3.43
CA GLN D 211 34.75 14.97 -4.15
C GLN D 211 35.98 14.69 -3.26
N ASN D 212 36.37 15.60 -2.36
CA ASN D 212 37.46 15.24 -1.45
C ASN D 212 37.11 14.04 -0.54
N ILE D 213 35.86 13.55 -0.52
CA ILE D 213 35.60 12.29 0.20
C ILE D 213 35.82 11.08 -0.71
N THR D 214 35.28 11.13 -1.93
CA THR D 214 35.11 9.98 -2.80
C THR D 214 36.15 9.84 -3.91
N LEU D 215 36.98 10.87 -4.15
CA LEU D 215 37.77 10.97 -5.37
C LEU D 215 39.26 11.10 -5.07
N THR D 216 40.08 10.43 -5.86
CA THR D 216 41.53 10.55 -5.75
C THR D 216 42.13 10.77 -7.13
N GLU D 217 42.89 11.85 -7.29
CA GLU D 217 43.57 12.14 -8.53
C GLU D 217 45.05 11.81 -8.40
N VAL D 218 45.59 11.12 -9.40
CA VAL D 218 46.99 10.72 -9.41
C VAL D 218 47.64 11.06 -10.74
N1 FMN E . -16.50 -7.78 2.18
C2 FMN E . -15.28 -8.26 1.75
O2 FMN E . -15.07 -8.45 0.55
N3 FMN E . -14.27 -8.53 2.66
C4 FMN E . -14.49 -8.31 4.01
O4 FMN E . -13.60 -8.55 4.82
C4A FMN E . -15.72 -7.84 4.45
N5 FMN E . -15.95 -7.63 5.79
C5A FMN E . -17.17 -7.16 6.22
C6 FMN E . -17.39 -6.96 7.58
C7 FMN E . -18.62 -6.48 8.03
C7M FMN E . -18.84 -6.25 9.50
C8 FMN E . -19.62 -6.21 7.11
C8M FMN E . -20.95 -5.71 7.58
C9 FMN E . -19.41 -6.42 5.76
C9A FMN E . -18.18 -6.90 5.31
N10 FMN E . -17.95 -7.12 3.95
C10 FMN E . -16.73 -7.57 3.52
C1' FMN E . -19.01 -6.83 2.93
C2' FMN E . -20.08 -7.93 2.92
O2' FMN E . -19.60 -9.03 2.19
C3' FMN E . -21.34 -7.38 2.27
O3' FMN E . -21.88 -6.39 3.11
C4' FMN E . -22.40 -8.45 2.04
O4' FMN E . -21.94 -9.40 1.12
C5' FMN E . -23.63 -7.74 1.49
O5' FMN E . -23.19 -6.94 0.40
P FMN E . -23.56 -5.39 0.28
O1P FMN E . -23.30 -4.95 -1.15
O2P FMN E . -22.64 -4.60 1.19
O3P FMN E . -24.99 -5.13 0.67
C11 I5O F . -15.79 -8.31 -9.04
C13 I5O F . -18.61 -11.46 -11.00
C19 I5O F . -18.64 -13.04 -2.82
C20 I5O F . -18.52 -12.32 -1.64
C22 I5O F . -20.70 -11.38 -2.00
C24 I5O F . -19.78 -12.92 -3.60
C17 I5O F . -17.30 -9.91 -9.54
C23 I5O F . -20.82 -12.09 -3.18
B15 I5O F . -16.21 -11.14 -11.36
C03 I5O F . -17.07 -12.55 -14.17
C04 I5O F . -21.20 -12.03 -11.19
C05 I5O F . -13.98 -8.91 -10.73
C06 I5O F . -17.88 -8.14 -7.58
C07 I5O F . -19.76 -11.97 -11.68
C08 I5O F . -19.32 -12.43 -12.91
C09 I5O F . -17.96 -12.19 -12.96
C10 I5O F . -15.33 -9.11 -10.06
C12 I5O F . -17.04 -8.79 -8.68
C18 I5O F . -18.42 -10.84 -9.67
C21 I5O F . -19.55 -11.49 -1.24
C25 I5O F . -19.89 -13.75 -4.88
C27 I5O F . -19.75 -13.60 -7.28
C28 I5O F . -19.41 -12.95 -8.48
C29 I5O F . -18.85 -11.68 -8.42
C30 I5O F . -18.64 -11.14 -7.14
C31 I5O F . -19.00 -11.84 -6.01
F01 I5O F . -15.55 -10.45 -12.72
F02 I5O F . -15.36 -12.44 -10.76
N14 I5O F . -17.57 -11.61 -11.80
N16 I5O F . -16.26 -10.05 -10.33
N26 I5O F . -19.54 -13.03 -6.10
N32 I5O F . -19.40 -10.75 -0.02
O33 I5O F . -19.30 -11.32 1.00
O34 I5O F . -19.41 -9.35 -0.05
N1 FMN G . -31.76 4.82 26.52
C2 FMN G . -32.54 4.53 27.62
O2 FMN G . -33.17 5.43 28.17
N3 FMN G . -32.61 3.24 28.11
C4 FMN G . -31.89 2.24 27.49
O4 FMN G . -31.93 1.10 27.92
C4A FMN G . -31.11 2.53 26.39
N5 FMN G . -30.40 1.51 25.77
C5A FMN G . -29.62 1.82 24.67
C6 FMN G . -28.93 0.78 24.07
C7 FMN G . -28.14 1.03 22.96
C7M FMN G . -27.38 -0.11 22.33
C8 FMN G . -28.05 2.32 22.45
C8M FMN G . -27.19 2.59 21.25
C9 FMN G . -28.76 3.35 23.06
C9A FMN G . -29.55 3.11 24.17
N10 FMN G . -30.27 4.12 24.80
C10 FMN G . -31.05 3.82 25.90
C1' FMN G . -30.25 5.55 24.33
C2' FMN G . -28.95 6.25 24.72
O2' FMN G . -28.97 6.63 26.08
C3' FMN G . -28.75 7.48 23.84
O3' FMN G . -28.61 7.07 22.49
C4' FMN G . -27.56 8.33 24.24
O4' FMN G . -27.75 8.89 25.52
C5' FMN G . -27.40 9.44 23.21
O5' FMN G . -28.63 10.10 23.00
P FMN G . -29.22 10.29 21.52
O1P FMN G . -30.27 11.38 21.54
O2P FMN G . -29.93 9.00 21.14
O3P FMN G . -28.13 10.57 20.53
N1 FMN H . 35.15 -4.80 -23.76
C2 FMN H . 36.43 -5.29 -23.87
O2 FMN H . 37.00 -5.28 -24.97
N3 FMN H . 37.08 -5.80 -22.77
C4 FMN H . 36.45 -5.81 -21.54
O4 FMN H . 37.04 -6.27 -20.55
C4A FMN H . 35.16 -5.32 -21.42
N5 FMN H . 34.52 -5.34 -20.19
C5A FMN H . 33.24 -4.84 -20.06
C6 FMN H . 32.58 -4.86 -18.84
C7 FMN H . 31.29 -4.36 -18.74
C7M FMN H . 30.55 -4.34 -17.43
C8 FMN H . 30.65 -3.85 -19.85
C8M FMN H . 29.26 -3.31 -19.75
C9 FMN H . 31.31 -3.84 -21.07
C9A FMN H . 32.59 -4.34 -21.19
N10 FMN H . 33.23 -4.33 -22.41
C10 FMN H . 34.51 -4.81 -22.53
C1' FMN H . 32.55 -3.77 -23.63
C2' FMN H . 31.52 -4.74 -24.22
O2' FMN H . 32.18 -5.75 -24.93
C3' FMN H . 30.55 -3.99 -25.12
O3' FMN H . 29.78 -3.07 -24.39
C4' FMN H . 29.64 -4.93 -25.90
O4' FMN H . 30.40 -5.79 -26.70
C5' FMN H . 28.64 -4.17 -26.77
O5' FMN H . 29.32 -3.15 -27.46
P FMN H . 28.70 -1.66 -27.58
O1P FMN H . 29.51 -0.88 -28.59
O2P FMN H . 28.65 -0.96 -26.24
O3P FMN H . 27.30 -1.78 -28.14
N1 FMN I . 13.93 6.03 -3.44
C2 FMN I . 12.77 5.71 -2.76
O2 FMN I . 12.10 6.61 -2.25
N3 FMN I . 12.38 4.38 -2.65
C4 FMN I . 13.14 3.39 -3.22
O4 FMN I . 12.77 2.22 -3.11
C4A FMN I . 14.32 3.73 -3.91
N5 FMN I . 15.12 2.76 -4.51
C5A FMN I . 16.28 3.12 -5.19
C6 FMN I . 17.05 2.16 -5.80
C7 FMN I . 18.21 2.44 -6.46
C7M FMN I . 18.99 1.32 -7.07
C8 FMN I . 18.63 3.74 -6.58
C8M FMN I . 19.89 4.06 -7.32
C9 FMN I . 17.85 4.74 -6.01
C9A FMN I . 16.68 4.43 -5.30
N10 FMN I . 15.87 5.40 -4.69
C10 FMN I . 14.71 5.06 -4.03
C1' FMN I . 16.26 6.82 -4.82
C2' FMN I . 17.39 7.25 -3.90
O2' FMN I . 16.87 7.60 -2.63
C3' FMN I . 17.99 8.46 -4.58
O3' FMN I . 18.63 8.02 -5.76
C4' FMN I . 19.01 9.20 -3.74
O4' FMN I . 18.35 9.75 -2.63
C5' FMN I . 19.56 10.31 -4.62
O5' FMN I . 18.48 10.98 -5.23
P FMN I . 18.46 11.26 -6.82
O1P FMN I . 17.39 12.28 -7.09
O2P FMN I . 18.13 9.98 -7.55
O3P FMN I . 19.81 11.77 -7.26
#